data_9ECJ
#
_entry.id   9ECJ
#
loop_
_entity.id
_entity.type
_entity.pdbx_description
1 polymer 'P2Y purinoceptor 8'
2 polymer 'Guanine nucleotide-binding protein subunit alpha-13'
3 polymer 'Guanine nucleotide-binding protein G(I)/G(S)/G(T) subunit beta-1'
4 non-polymer L-gamma-glutamyl-S-[(2Z,6E)-3,7,15-trimethyl-11-methylidenehexadeca-2,6,14-trien-1-yl]-L-cysteinylglycine
#
loop_
_entity_poly.entity_id
_entity_poly.type
_entity_poly.pdbx_seq_one_letter_code
_entity_poly.pdbx_strand_id
1 'polypeptide(L)'
;FADYKDDDDMQVPNSTGPDNATLQMLRNPAIAVALPVVYSLVAAVSIPGNLFSLWVLCRRMGPRSPSVIFMINLSVTDLM
LASVLPFQIYYHCNRHHWVFGVLLCNVVTVAFYANMYSSILTMTCISVERFLGVLYPLSSKRWRRRRYAVAACAGTWLLL
LTALSPLARTDLTYPVHALGIITCFDVLKWTMLPSVAMWAVFLFTIFILLFLIPFVITVACYTATILKLLRTEEAHGREQ
RRRAVGLAAVVLLAFVTCFAPNNFVLLAHIVSRLFYGKSYYHVYKLTLCLSCLNNCLDPFVYYFASREFQLRLREYLGCR
RVPRDTLDTRRESLFSARTTSVRSEAGAHPEGMEGATRPGLQRQESVFGSSGLEVLFQGPGGSG
;
B
2 'polypeptide(L)'
;MGSTVSAEDKAAAERSKEIDKCLSREKTYVKRLVKILLLGADNSGKSTFLKQMRIIHGGSGGSGGTKGIHEYDFEIKNVP
FKMVDVGGQRSERKRWFECFDSVTSILFLVDSSDFDQVLMEDRLTNRLTESLNDFETIVNNRVFSNVSIILFLNKTDLLE
EKVQIVSIKDYFLEFEGDPHCLRDVQKFLVECFRNKRRDQQQKPLYHHFTTAINTENARLIFRDVKDTILHDNLKQLMLQ
;
C
3 'polypeptide(L)'
;MHHHHHHLEVLFQGPEDQVDPRLIDGKGSSGSELDQLRQEAEQLKNQIRDARKACADATLSQITNNIDPVGRIQMRTRRT
LRGHLAKIYAMHWGTDSRLLVSASQDGKLIIWDSYTTNKVHAIPLRSSWVMTCAYAPSGNYVACGGLDNICSIYNLKTRE
GNVRVSRELAGHTGYLSCCRFLDDNQIVTSSGDTTCALWDIETGQQTTTFTGHTGDVMSLSLAPDTRLFVSGACDASAKL
WDVREGMCRQTFTGHESDINAICFFPNGNAFATGSDDATCRLFDLRADQELMTYSHDNIICGITSVSFSKSGRLLLAGYD
DFNCNVWDALKADRAGVLAGHDNRVSCLGVTDDGMAVATGSWDSFLKIWN
;
D
#
# COMPACT_ATOMS: atom_id res chain seq x y z
N GLY A 17 40.08 -41.76 24.96
CA GLY A 17 40.10 -40.39 24.45
C GLY A 17 39.88 -40.28 22.93
N PRO A 18 40.15 -39.11 22.32
CA PRO A 18 40.01 -38.88 20.88
C PRO A 18 40.92 -39.77 20.03
N ASP A 19 40.48 -40.05 18.79
CA ASP A 19 41.28 -40.88 17.86
C ASP A 19 42.46 -40.06 17.32
N ASN A 20 43.42 -40.74 16.66
CA ASN A 20 44.58 -40.01 16.08
C ASN A 20 44.10 -38.96 15.07
N ALA A 21 43.29 -39.39 14.09
CA ALA A 21 42.76 -38.46 13.09
C ALA A 21 42.18 -37.18 13.71
N THR A 22 41.48 -37.26 14.84
CA THR A 22 41.04 -36.07 15.59
C THR A 22 42.24 -35.30 16.12
N LEU A 23 43.22 -35.96 16.73
CA LEU A 23 44.40 -35.25 17.27
C LEU A 23 45.20 -34.54 16.16
N GLN A 24 45.33 -35.14 14.97
CA GLN A 24 45.90 -34.54 13.77
C GLN A 24 45.10 -33.32 13.28
N MET A 25 43.77 -33.42 13.21
CA MET A 25 42.89 -32.32 12.82
C MET A 25 43.05 -31.12 13.76
N LEU A 26 43.13 -31.32 15.09
CA LEU A 26 43.32 -30.24 16.06
C LEU A 26 44.74 -29.65 16.11
N ARG A 27 45.64 -30.03 15.19
CA ARG A 27 46.95 -29.36 14.98
C ARG A 27 47.20 -28.93 13.52
N ASN A 28 46.17 -29.00 12.67
CA ASN A 28 46.20 -28.72 11.23
C ASN A 28 46.61 -27.25 10.91
N PRO A 29 47.63 -26.99 10.07
CA PRO A 29 48.11 -25.63 9.78
C PRO A 29 47.19 -24.81 8.88
N ALA A 30 46.44 -25.45 7.97
CA ALA A 30 45.52 -24.76 7.07
C ALA A 30 44.33 -24.17 7.82
N ILE A 31 43.70 -24.93 8.73
CA ILE A 31 42.57 -24.43 9.55
C ILE A 31 43.01 -23.25 10.44
N ALA A 32 44.22 -23.32 11.02
CA ALA A 32 44.81 -22.29 11.87
C ALA A 32 45.13 -20.97 11.16
N VAL A 33 45.15 -20.94 9.83
CA VAL A 33 45.34 -19.73 9.00
C VAL A 33 44.04 -19.31 8.33
N ALA A 34 43.36 -20.24 7.67
CA ALA A 34 42.20 -19.93 6.83
C ALA A 34 41.02 -19.35 7.62
N LEU A 35 40.60 -19.98 8.72
CA LEU A 35 39.39 -19.51 9.41
C LEU A 35 39.62 -18.15 10.11
N PRO A 36 40.72 -17.90 10.85
CA PRO A 36 40.99 -16.58 11.42
C PRO A 36 41.00 -15.44 10.39
N VAL A 37 41.63 -15.65 9.23
CA VAL A 37 41.70 -14.65 8.15
C VAL A 37 40.31 -14.40 7.55
N VAL A 38 39.62 -15.43 7.08
CA VAL A 38 38.32 -15.27 6.44
C VAL A 38 37.26 -14.76 7.41
N TYR A 39 37.25 -15.28 8.64
CA TYR A 39 36.30 -14.76 9.67
C TYR A 39 36.57 -13.26 9.90
N SER A 40 37.83 -12.86 10.06
CA SER A 40 38.14 -11.45 10.37
C SER A 40 37.68 -10.52 9.25
N LEU A 41 37.87 -10.90 7.99
CA LEU A 41 37.37 -10.16 6.83
C LEU A 41 35.83 -10.14 6.80
N VAL A 42 35.19 -11.29 7.04
CA VAL A 42 33.72 -11.39 7.16
C VAL A 42 33.17 -10.55 8.31
N ALA A 43 33.74 -10.60 9.51
CA ALA A 43 33.27 -9.82 10.63
C ALA A 43 33.44 -8.31 10.41
N ALA A 44 34.57 -7.88 9.85
CA ALA A 44 34.84 -6.47 9.59
C ALA A 44 33.90 -5.85 8.55
N VAL A 45 33.53 -6.57 7.49
CA VAL A 45 32.54 -6.10 6.50
C VAL A 45 31.11 -6.24 7.01
N SER A 46 30.74 -7.42 7.51
CA SER A 46 29.32 -7.74 7.76
C SER A 46 28.74 -7.17 9.04
N ILE A 47 29.52 -6.81 10.05
CA ILE A 47 28.98 -6.10 11.23
C ILE A 47 28.44 -4.70 10.85
N PRO A 48 29.25 -3.76 10.29
CA PRO A 48 28.73 -2.47 9.89
C PRO A 48 27.70 -2.58 8.78
N GLY A 49 27.86 -3.52 7.84
CA GLY A 49 26.91 -3.52 6.75
C GLY A 49 25.57 -4.00 7.14
N ASN A 50 25.48 -4.93 8.10
CA ASN A 50 24.16 -5.47 8.56
C ASN A 50 23.57 -4.49 9.57
N LEU A 51 24.41 -3.60 10.10
CA LEU A 51 23.99 -2.60 11.08
C LEU A 51 23.58 -1.28 10.35
N PHE A 52 24.04 -1.06 9.12
CA PHE A 52 23.56 0.07 8.29
C PHE A 52 22.39 -0.49 7.50
N SER A 53 22.51 -1.72 7.00
CA SER A 53 21.36 -2.33 6.30
C SER A 53 20.10 -2.15 7.15
N LEU A 54 20.12 -2.62 8.41
CA LEU A 54 18.94 -2.56 9.30
C LEU A 54 18.52 -1.10 9.50
N TRP A 55 19.42 -0.26 10.00
CA TRP A 55 19.07 1.13 10.24
C TRP A 55 18.18 1.59 9.18
N VAL A 56 18.64 1.48 7.93
CA VAL A 56 17.78 1.85 6.75
C VAL A 56 16.61 0.89 6.56
N LEU A 57 16.85 -0.41 6.36
CA LEU A 57 15.79 -1.41 6.10
C LEU A 57 14.71 -1.35 7.18
N CYS A 58 15.10 -1.13 8.44
CA CYS A 58 14.10 -1.21 9.54
C CYS A 58 13.60 0.17 9.98
N ARG A 59 14.50 1.08 10.34
CA ARG A 59 14.05 2.38 10.91
C ARG A 59 13.89 3.42 9.80
N ARG A 60 14.46 3.15 8.62
CA ARG A 60 14.38 4.11 7.53
C ARG A 60 13.38 3.59 6.52
N MET A 61 12.88 2.35 6.60
CA MET A 61 11.96 1.94 5.50
C MET A 61 10.58 1.63 6.07
N GLY A 62 10.54 0.77 7.07
CA GLY A 62 9.31 0.33 7.74
C GLY A 62 8.91 -1.08 7.33
N PRO A 63 8.41 -1.92 8.24
CA PRO A 63 7.97 -3.28 7.89
C PRO A 63 6.53 -3.20 7.35
N ARG A 64 6.36 -2.69 6.14
CA ARG A 64 5.04 -2.51 5.51
C ARG A 64 4.78 -3.65 4.52
N SER A 65 5.84 -4.28 3.99
CA SER A 65 5.57 -5.36 3.05
C SER A 65 6.22 -6.69 3.50
N PRO A 66 5.72 -7.85 3.06
CA PRO A 66 6.30 -9.16 3.42
C PRO A 66 7.79 -9.26 3.10
N SER A 67 8.23 -8.60 2.03
CA SER A 67 9.62 -8.49 1.58
C SER A 67 10.50 -7.74 2.56
N VAL A 68 10.10 -6.60 3.10
CA VAL A 68 10.94 -5.89 4.08
C VAL A 68 11.05 -6.67 5.39
N ILE A 69 10.02 -7.38 5.86
CA ILE A 69 10.13 -8.07 7.16
C ILE A 69 10.95 -9.37 7.10
N PHE A 70 10.97 -10.08 5.97
CA PHE A 70 11.95 -11.16 5.78
C PHE A 70 13.40 -10.66 5.68
N MET A 71 13.61 -9.43 5.16
CA MET A 71 14.95 -8.80 5.06
C MET A 71 15.44 -8.19 6.36
N ILE A 72 14.53 -7.79 7.25
CA ILE A 72 14.81 -7.48 8.65
C ILE A 72 15.25 -8.75 9.39
N ASN A 73 14.51 -9.85 9.26
CA ASN A 73 14.97 -11.11 9.90
C ASN A 73 16.38 -11.48 9.40
N LEU A 74 16.59 -11.49 8.10
CA LEU A 74 17.87 -11.89 7.48
C LEU A 74 19.04 -11.05 8.04
N SER A 75 18.95 -9.73 7.96
CA SER A 75 20.02 -8.87 8.48
C SER A 75 20.21 -9.01 10.00
N VAL A 76 19.16 -9.15 10.81
CA VAL A 76 19.26 -9.47 12.25
C VAL A 76 19.95 -10.82 12.49
N THR A 77 19.59 -11.86 11.72
CA THR A 77 20.23 -13.17 11.81
C THR A 77 21.72 -13.08 11.55
N ASP A 78 22.10 -12.46 10.43
CA ASP A 78 23.53 -12.39 10.03
C ASP A 78 24.32 -11.61 11.08
N LEU A 79 23.82 -10.43 11.48
CA LEU A 79 24.52 -9.62 12.47
C LEU A 79 24.89 -10.43 13.73
N MET A 80 23.96 -11.22 14.26
CA MET A 80 24.19 -12.11 15.40
C MET A 80 25.13 -13.29 15.10
N LEU A 81 25.17 -13.76 13.86
CA LEU A 81 26.19 -14.70 13.42
C LEU A 81 27.56 -14.02 13.34
N ALA A 82 27.65 -12.83 12.75
CA ALA A 82 28.89 -12.07 12.68
C ALA A 82 29.46 -11.69 14.06
N SER A 83 28.63 -11.46 15.08
CA SER A 83 29.07 -11.03 16.41
C SER A 83 29.66 -12.14 17.29
N VAL A 84 29.44 -13.43 16.99
CA VAL A 84 30.14 -14.54 17.67
C VAL A 84 31.45 -14.95 17.00
N LEU A 85 31.74 -14.48 15.78
CA LEU A 85 32.98 -14.79 15.07
C LEU A 85 34.27 -14.43 15.84
N PRO A 86 34.36 -13.37 16.65
CA PRO A 86 35.54 -13.09 17.47
C PRO A 86 35.94 -14.18 18.47
N PHE A 87 35.01 -14.94 19.04
CA PHE A 87 35.33 -16.14 19.85
C PHE A 87 35.96 -17.25 19.00
N GLN A 88 35.49 -17.42 17.77
CA GLN A 88 36.02 -18.42 16.85
C GLN A 88 37.41 -18.02 16.34
N ILE A 89 37.63 -16.75 16.01
CA ILE A 89 38.93 -16.24 15.60
C ILE A 89 39.96 -16.51 16.71
N TYR A 90 39.62 -16.20 17.95
CA TYR A 90 40.56 -16.45 19.09
C TYR A 90 40.85 -17.94 19.26
N TYR A 91 39.81 -18.79 19.16
CA TYR A 91 39.95 -20.25 19.40
C TYR A 91 40.80 -20.92 18.32
N HIS A 92 40.84 -20.38 17.11
CA HIS A 92 41.69 -20.90 16.03
C HIS A 92 43.09 -20.23 15.97
N CYS A 93 43.28 -19.04 16.54
CA CYS A 93 44.60 -18.46 16.77
C CYS A 93 45.34 -19.15 17.93
N ASN A 94 44.71 -19.29 19.09
CA ASN A 94 45.11 -20.32 20.06
C ASN A 94 44.88 -21.70 19.40
N ARG A 95 45.73 -22.71 19.61
CA ARG A 95 45.60 -23.97 18.84
C ARG A 95 44.48 -24.85 19.36
N HIS A 96 43.22 -24.55 18.98
CA HIS A 96 42.05 -25.40 19.37
C HIS A 96 41.90 -25.50 20.90
N HIS A 97 42.24 -24.44 21.63
CA HIS A 97 42.06 -24.38 23.08
C HIS A 97 41.07 -23.30 23.48
N TRP A 98 40.02 -23.76 24.18
CA TRP A 98 38.95 -22.85 24.66
C TRP A 98 39.30 -22.34 26.05
N VAL A 99 39.43 -21.03 26.20
CA VAL A 99 39.78 -20.37 27.47
C VAL A 99 38.58 -19.85 28.26
N PHE A 100 37.46 -19.57 27.58
CA PHE A 100 36.26 -19.00 28.19
C PHE A 100 35.49 -20.05 29.01
N GLY A 101 34.31 -19.70 29.54
CA GLY A 101 33.50 -20.62 30.35
C GLY A 101 32.90 -21.79 29.58
N VAL A 102 32.41 -22.79 30.33
CA VAL A 102 31.56 -23.89 29.80
C VAL A 102 30.23 -23.35 29.29
N LEU A 103 29.58 -22.46 30.05
CA LEU A 103 28.34 -21.78 29.63
C LEU A 103 28.53 -21.05 28.29
N LEU A 104 29.62 -20.29 28.16
CA LEU A 104 29.88 -19.53 26.94
C LEU A 104 30.25 -20.42 25.73
N CYS A 105 30.80 -21.62 25.95
CA CYS A 105 30.91 -22.64 24.91
C CYS A 105 29.55 -23.10 24.37
N ASN A 106 28.55 -23.25 25.23
CA ASN A 106 27.18 -23.58 24.81
C ASN A 106 26.57 -22.42 24.02
N VAL A 107 26.66 -21.20 24.55
CA VAL A 107 26.10 -20.00 23.94
C VAL A 107 26.68 -19.76 22.56
N VAL A 108 27.98 -19.97 22.34
CA VAL A 108 28.70 -19.65 21.04
C VAL A 108 28.41 -20.66 19.91
N THR A 109 28.36 -21.95 20.18
CA THR A 109 28.04 -23.02 19.22
C THR A 109 26.59 -23.10 18.88
N VAL A 110 25.76 -22.34 19.54
CA VAL A 110 24.30 -22.27 19.30
C VAL A 110 24.08 -20.97 18.54
N ALA A 111 24.80 -19.94 18.89
CA ALA A 111 24.56 -18.64 18.28
C ALA A 111 25.15 -18.76 16.92
N PHE A 112 26.11 -19.70 16.76
CA PHE A 112 26.70 -19.92 15.44
C PHE A 112 25.73 -20.69 14.53
N TYR A 113 25.34 -21.86 14.88
CA TYR A 113 24.49 -22.73 14.04
C TYR A 113 23.06 -22.32 13.96
N ALA A 114 22.42 -21.83 15.01
CA ALA A 114 21.04 -21.35 14.95
C ALA A 114 20.90 -20.21 13.95
N ASN A 115 21.89 -19.32 13.95
CA ASN A 115 21.87 -18.17 12.99
C ASN A 115 22.16 -18.66 11.57
N MET A 116 23.20 -19.47 11.38
CA MET A 116 23.58 -19.83 10.01
C MET A 116 22.50 -20.65 9.28
N TYR A 117 21.66 -21.34 10.04
CA TYR A 117 20.49 -22.03 9.42
C TYR A 117 19.38 -20.99 9.28
N SER A 118 19.12 -20.19 10.32
CA SER A 118 18.15 -19.09 10.19
C SER A 118 18.33 -18.31 8.89
N SER A 119 19.55 -18.01 8.44
CA SER A 119 19.77 -17.34 7.16
C SER A 119 19.23 -18.15 5.98
N ILE A 120 19.54 -19.45 5.91
CA ILE A 120 19.07 -20.37 4.86
C ILE A 120 17.54 -20.45 4.83
N LEU A 121 16.90 -20.57 5.99
CA LEU A 121 15.44 -20.60 6.13
C LEU A 121 14.78 -19.26 5.76
N THR A 122 15.39 -18.14 6.12
CA THR A 122 14.91 -16.81 5.74
C THR A 122 15.03 -16.57 4.23
N MET A 123 16.17 -16.90 3.62
CA MET A 123 16.37 -16.79 2.17
C MET A 123 15.41 -17.70 1.40
N THR A 124 15.03 -18.84 1.97
CA THR A 124 13.96 -19.70 1.43
C THR A 124 12.61 -19.00 1.43
N CYS A 125 12.22 -18.32 2.51
CA CYS A 125 10.97 -17.56 2.59
C CYS A 125 10.91 -16.44 1.53
N ILE A 126 11.95 -15.62 1.38
CA ILE A 126 12.02 -14.60 0.30
C ILE A 126 11.97 -15.22 -1.11
N SER A 127 12.49 -16.43 -1.35
CA SER A 127 12.35 -17.11 -2.63
C SER A 127 10.93 -17.55 -2.94
N VAL A 128 10.20 -18.05 -1.94
CA VAL A 128 8.79 -18.45 -2.10
C VAL A 128 7.93 -17.21 -2.30
N GLU A 129 8.23 -16.12 -1.57
CA GLU A 129 7.56 -14.82 -1.64
C GLU A 129 7.72 -14.07 -2.97
N ARG A 130 8.84 -14.25 -3.67
CA ARG A 130 9.05 -13.81 -5.06
C ARG A 130 8.45 -14.78 -6.08
N PHE A 131 8.56 -16.10 -5.92
CA PHE A 131 7.88 -17.05 -6.80
C PHE A 131 6.37 -16.81 -6.86
N LEU A 132 5.79 -16.46 -5.69
CA LEU A 132 4.43 -15.92 -5.51
C LEU A 132 4.20 -14.53 -6.12
N GLY A 133 4.92 -13.48 -5.71
CA GLY A 133 4.67 -12.11 -6.20
C GLY A 133 4.90 -11.92 -7.71
N VAL A 134 5.76 -12.70 -8.34
CA VAL A 134 5.98 -12.73 -9.79
C VAL A 134 5.02 -13.70 -10.48
N LEU A 135 4.98 -14.99 -10.13
CA LEU A 135 4.21 -15.99 -10.91
C LEU A 135 2.70 -15.85 -10.71
N TYR A 136 2.28 -15.43 -9.51
CA TYR A 136 0.83 -15.26 -9.21
C TYR A 136 0.61 -13.86 -8.66
N PRO A 137 0.60 -12.80 -9.50
CA PRO A 137 0.54 -11.43 -9.02
C PRO A 137 -0.75 -11.10 -8.26
N LEU A 138 -1.89 -11.56 -8.79
CA LEU A 138 -3.24 -11.40 -8.21
C LEU A 138 -3.59 -12.55 -7.26
N SER A 139 -3.47 -13.79 -7.69
CA SER A 139 -4.03 -14.97 -7.02
C SER A 139 -3.47 -15.20 -5.63
N SER A 140 -2.15 -15.01 -5.49
CA SER A 140 -1.41 -15.07 -4.23
C SER A 140 -1.59 -13.85 -3.32
N LYS A 141 -2.44 -12.84 -3.62
CA LYS A 141 -2.69 -11.67 -2.72
C LYS A 141 -3.25 -12.01 -1.33
N ARG A 142 -3.94 -13.16 -1.19
CA ARG A 142 -4.27 -13.76 0.12
C ARG A 142 -3.02 -14.07 0.93
N TRP A 143 -2.05 -14.71 0.27
CA TRP A 143 -0.77 -15.15 0.90
C TRP A 143 0.18 -13.95 1.03
N ARG A 144 -0.10 -12.86 0.32
CA ARG A 144 0.75 -11.64 0.40
C ARG A 144 0.23 -10.76 1.54
N ARG A 145 0.40 -11.23 2.78
CA ARG A 145 -0.08 -10.49 3.98
C ARG A 145 0.99 -10.52 5.08
N ARG A 146 1.47 -9.33 5.46
CA ARG A 146 2.48 -9.13 6.53
C ARG A 146 2.32 -10.08 7.72
N ARG A 147 1.11 -10.32 8.22
CA ARG A 147 0.89 -11.25 9.33
C ARG A 147 1.48 -12.64 9.08
N TYR A 148 1.46 -13.13 7.83
CA TYR A 148 1.97 -14.45 7.49
C TYR A 148 3.49 -14.49 7.30
N ALA A 149 4.10 -13.38 6.91
CA ALA A 149 5.55 -13.18 6.96
C ALA A 149 6.09 -13.24 8.39
N VAL A 150 5.42 -12.56 9.34
CA VAL A 150 5.70 -12.63 10.78
C VAL A 150 5.57 -14.06 11.30
N ALA A 151 4.51 -14.78 10.92
CA ALA A 151 4.32 -16.18 11.27
C ALA A 151 5.44 -17.10 10.75
N ALA A 152 5.88 -16.93 9.51
CA ALA A 152 6.98 -17.69 8.92
C ALA A 152 8.34 -17.39 9.57
N CYS A 153 8.58 -16.16 10.02
CA CYS A 153 9.76 -15.79 10.81
C CYS A 153 9.75 -16.44 12.20
N ALA A 154 8.64 -16.37 12.93
CA ALA A 154 8.47 -17.05 14.21
C ALA A 154 8.60 -18.57 14.08
N GLY A 155 7.98 -19.17 13.06
CA GLY A 155 8.09 -20.59 12.74
C GLY A 155 9.52 -21.02 12.42
N THR A 156 10.30 -20.19 11.72
CA THR A 156 11.73 -20.42 11.49
C THR A 156 12.51 -20.55 12.80
N TRP A 157 12.43 -19.57 13.68
CA TRP A 157 13.11 -19.69 15.00
C TRP A 157 12.60 -20.93 15.76
N LEU A 158 11.29 -21.09 15.90
CA LEU A 158 10.71 -22.23 16.59
C LEU A 158 11.17 -23.61 16.07
N LEU A 159 11.29 -23.78 14.74
CA LEU A 159 11.87 -24.98 14.12
C LEU A 159 13.35 -25.13 14.46
N LEU A 160 14.13 -24.05 14.38
CA LEU A 160 15.55 -24.06 14.69
C LEU A 160 15.83 -24.45 16.12
N LEU A 161 15.25 -23.70 17.06
CA LEU A 161 15.57 -23.81 18.48
C LEU A 161 15.00 -25.09 19.11
N THR A 162 14.11 -25.81 18.44
CA THR A 162 13.75 -27.20 18.80
C THR A 162 14.73 -28.21 18.18
N ALA A 163 15.02 -28.15 16.87
CA ALA A 163 15.93 -29.11 16.22
C ALA A 163 17.39 -29.02 16.73
N LEU A 164 17.92 -27.82 16.95
CA LEU A 164 19.25 -27.58 17.54
C LEU A 164 19.26 -27.65 19.08
N SER A 165 18.11 -27.95 19.70
CA SER A 165 18.01 -27.88 21.19
C SER A 165 19.16 -28.56 21.94
N PRO A 166 19.58 -29.82 21.68
CA PRO A 166 20.58 -30.51 22.51
C PRO A 166 21.85 -29.69 22.81
N LEU A 167 22.31 -28.87 21.86
CA LEU A 167 23.53 -28.07 21.99
C LEU A 167 23.42 -27.03 23.12
N ALA A 168 22.22 -26.60 23.50
CA ALA A 168 22.04 -25.68 24.62
C ALA A 168 22.20 -26.36 26.00
N ARG A 169 22.03 -27.69 26.07
CA ARG A 169 21.84 -28.45 27.31
C ARG A 169 23.12 -29.13 27.79
N THR A 170 23.76 -29.92 26.93
CA THR A 170 24.94 -30.74 27.26
C THR A 170 26.21 -29.90 27.37
N ASP A 171 27.18 -30.26 28.21
CA ASP A 171 28.51 -29.64 28.13
C ASP A 171 29.20 -29.96 26.79
N LEU A 172 29.56 -28.93 26.02
CA LEU A 172 30.20 -29.06 24.69
C LEU A 172 31.73 -28.96 24.73
N THR A 173 32.32 -28.68 25.90
CA THR A 173 33.78 -28.64 26.06
C THR A 173 34.35 -30.03 26.29
N TYR A 174 35.62 -30.27 25.95
CA TYR A 174 36.26 -31.58 26.09
C TYR A 174 37.73 -31.46 26.47
N PRO A 175 38.18 -32.00 27.62
CA PRO A 175 39.60 -32.01 28.01
C PRO A 175 40.40 -33.08 27.23
N VAL A 176 41.32 -32.63 26.37
CA VAL A 176 42.15 -33.48 25.50
C VAL A 176 43.58 -33.52 26.02
N HIS A 177 43.82 -34.45 26.93
CA HIS A 177 45.10 -34.50 27.65
C HIS A 177 46.29 -34.92 26.76
N ALA A 178 46.13 -35.44 25.55
CA ALA A 178 47.34 -35.62 24.74
C ALA A 178 48.00 -34.27 24.39
N LEU A 179 47.22 -33.29 23.89
CA LEU A 179 47.81 -32.01 23.42
C LEU A 179 47.87 -30.97 24.55
N GLY A 180 47.08 -31.15 25.61
CA GLY A 180 47.02 -30.20 26.73
C GLY A 180 46.05 -29.10 26.50
N ILE A 181 44.92 -29.41 25.90
CA ILE A 181 43.92 -28.39 25.53
C ILE A 181 42.52 -28.80 26.00
N ILE A 182 41.60 -27.84 26.11
CA ILE A 182 40.17 -28.07 26.20
C ILE A 182 39.53 -27.57 24.91
N THR A 183 38.88 -28.48 24.11
CA THR A 183 38.18 -28.20 22.82
C THR A 183 36.73 -27.66 23.00
N CYS A 184 36.11 -27.08 22.00
CA CYS A 184 34.77 -26.44 22.13
C CYS A 184 33.95 -26.85 20.91
N PHE A 185 33.23 -27.95 21.01
CA PHE A 185 32.48 -28.53 19.90
C PHE A 185 33.50 -29.24 18.99
N ASP A 186 34.79 -29.02 19.20
CA ASP A 186 35.80 -29.59 18.25
C ASP A 186 35.89 -31.12 18.43
N VAL A 187 35.24 -31.70 19.44
CA VAL A 187 35.20 -33.13 19.85
C VAL A 187 33.92 -33.24 20.69
N LEU A 188 33.24 -34.39 20.69
CA LEU A 188 31.94 -34.67 21.32
C LEU A 188 31.94 -36.02 22.03
N LYS A 189 30.82 -36.50 22.55
CA LYS A 189 30.84 -37.72 23.40
C LYS A 189 29.85 -38.75 22.91
N TRP A 190 30.13 -40.04 23.18
CA TRP A 190 29.19 -41.00 22.53
C TRP A 190 28.05 -41.34 23.49
N THR A 191 28.02 -40.68 24.66
CA THR A 191 26.96 -40.91 25.67
C THR A 191 25.87 -39.85 25.52
N MET A 192 26.14 -38.80 24.75
CA MET A 192 25.16 -37.70 24.53
C MET A 192 23.82 -38.31 24.07
N LEU A 193 23.89 -39.37 23.28
CA LEU A 193 22.67 -40.05 22.77
C LEU A 193 22.74 -41.57 23.05
N PRO A 194 21.61 -42.28 23.19
CA PRO A 194 21.58 -43.69 23.66
C PRO A 194 22.33 -44.74 22.82
N SER A 195 22.48 -44.51 21.52
CA SER A 195 23.08 -45.44 20.57
C SER A 195 23.51 -44.71 19.29
N VAL A 196 24.31 -45.38 18.45
CA VAL A 196 24.69 -44.88 17.10
C VAL A 196 23.46 -44.60 16.24
N ALA A 197 22.45 -45.46 16.31
CA ALA A 197 21.19 -45.28 15.58
C ALA A 197 20.49 -43.96 15.94
N MET A 198 20.56 -43.52 17.19
CA MET A 198 19.99 -42.23 17.61
C MET A 198 20.82 -41.03 17.16
N TRP A 199 22.11 -41.23 16.91
CA TRP A 199 22.91 -40.13 16.30
C TRP A 199 22.43 -39.96 14.86
N ALA A 200 22.30 -41.08 14.12
CA ALA A 200 21.81 -41.04 12.74
C ALA A 200 20.41 -40.44 12.63
N VAL A 201 19.46 -40.81 13.51
CA VAL A 201 18.12 -40.22 13.56
C VAL A 201 18.16 -38.72 13.83
N PHE A 202 18.90 -38.27 14.84
CA PHE A 202 19.03 -36.86 15.17
C PHE A 202 19.62 -36.05 14.00
N LEU A 203 20.78 -36.46 13.49
CA LEU A 203 21.54 -35.66 12.53
C LEU A 203 20.90 -35.61 11.15
N PHE A 204 20.33 -36.70 10.65
CA PHE A 204 19.65 -36.68 9.35
C PHE A 204 18.29 -35.97 9.40
N THR A 205 17.60 -35.97 10.53
CA THR A 205 16.43 -35.09 10.73
C THR A 205 16.85 -33.61 10.76
N ILE A 206 17.64 -33.07 11.64
CA ILE A 206 18.20 -31.73 11.49
C ILE A 206 18.79 -31.54 10.07
N PHE A 207 19.47 -32.45 9.24
CA PHE A 207 19.94 -32.16 7.88
C PHE A 207 18.81 -31.87 6.90
N ILE A 208 17.81 -32.75 6.84
CA ILE A 208 16.68 -32.64 5.90
C ILE A 208 15.86 -31.36 6.16
N LEU A 209 15.53 -31.08 7.42
CA LEU A 209 14.71 -29.93 7.79
C LEU A 209 15.47 -28.59 7.68
N LEU A 210 16.74 -28.53 8.10
CA LEU A 210 17.49 -27.27 8.16
C LEU A 210 18.27 -26.93 6.89
N PHE A 211 18.65 -27.92 6.07
CA PHE A 211 19.32 -27.68 4.77
C PHE A 211 18.55 -28.19 3.55
N LEU A 212 18.31 -29.49 3.42
CA LEU A 212 17.96 -30.07 2.12
C LEU A 212 16.57 -29.67 1.58
N ILE A 213 15.56 -29.53 2.43
CA ILE A 213 14.26 -28.96 2.05
C ILE A 213 14.42 -27.47 1.68
N PRO A 214 14.96 -26.59 2.55
CA PRO A 214 15.22 -25.19 2.21
C PRO A 214 16.02 -24.97 0.92
N PHE A 215 17.06 -25.78 0.66
CA PHE A 215 17.87 -25.71 -0.54
C PHE A 215 17.10 -26.03 -1.83
N VAL A 216 16.44 -27.18 -1.91
CA VAL A 216 15.66 -27.59 -3.09
C VAL A 216 14.52 -26.64 -3.39
N ILE A 217 13.82 -26.15 -2.36
CA ILE A 217 12.75 -25.17 -2.51
C ILE A 217 13.28 -23.83 -3.02
N THR A 218 14.40 -23.33 -2.51
CA THR A 218 15.00 -22.05 -2.96
C THR A 218 15.44 -22.10 -4.42
N VAL A 219 16.14 -23.15 -4.82
CA VAL A 219 16.66 -23.29 -6.19
C VAL A 219 15.51 -23.38 -7.20
N ALA A 220 14.46 -24.14 -6.90
CA ALA A 220 13.28 -24.27 -7.74
C ALA A 220 12.54 -22.94 -7.91
N CYS A 221 12.28 -22.24 -6.81
CA CYS A 221 11.59 -20.95 -6.81
C CYS A 221 12.29 -19.91 -7.69
N TYR A 222 13.62 -19.81 -7.62
CA TYR A 222 14.36 -18.83 -8.44
C TYR A 222 14.38 -19.27 -9.92
N THR A 223 14.61 -20.56 -10.19
CA THR A 223 14.66 -21.07 -11.56
C THR A 223 13.35 -20.78 -12.29
N ALA A 224 12.19 -21.11 -11.71
CA ALA A 224 10.88 -20.80 -12.27
C ALA A 224 10.61 -19.29 -12.41
N THR A 225 11.10 -18.47 -11.47
CA THR A 225 10.97 -16.99 -11.48
C THR A 225 11.79 -16.32 -12.58
N ILE A 226 13.05 -16.71 -12.78
CA ILE A 226 13.91 -16.27 -13.88
C ILE A 226 13.35 -16.71 -15.23
N LEU A 227 12.90 -17.95 -15.37
CA LEU A 227 12.33 -18.44 -16.62
C LEU A 227 11.03 -17.71 -16.99
N LYS A 228 10.14 -17.42 -16.03
CA LYS A 228 8.94 -16.58 -16.21
C LYS A 228 9.25 -15.18 -16.71
N LEU A 229 10.24 -14.49 -16.14
CA LEU A 229 10.65 -13.16 -16.61
C LEU A 229 11.36 -13.20 -17.99
N LEU A 230 12.12 -14.25 -18.33
CA LEU A 230 12.74 -14.39 -19.65
C LEU A 230 11.74 -14.74 -20.77
N ARG A 231 10.78 -15.63 -20.51
CA ARG A 231 9.76 -16.08 -21.50
C ARG A 231 8.62 -15.07 -21.72
N THR A 232 8.47 -14.06 -20.86
CA THR A 232 7.42 -13.02 -21.00
C THR A 232 7.57 -12.25 -22.31
N GLU A 233 6.47 -11.88 -22.97
CA GLU A 233 6.47 -11.37 -24.36
C GLU A 233 5.84 -9.98 -24.56
N GLU A 234 5.37 -9.31 -23.51
CA GLU A 234 4.95 -7.89 -23.61
C GLU A 234 6.10 -7.01 -24.15
N ALA A 235 5.78 -5.95 -24.90
CA ALA A 235 6.79 -5.03 -25.43
C ALA A 235 7.26 -4.00 -24.38
N HIS A 236 6.30 -3.53 -23.58
CA HIS A 236 6.62 -2.47 -22.58
C HIS A 236 7.35 -3.08 -21.38
N GLY A 237 8.37 -2.38 -20.88
CA GLY A 237 9.07 -2.81 -19.68
C GLY A 237 10.02 -4.00 -19.84
N ARG A 238 10.50 -4.34 -21.04
CA ARG A 238 11.60 -5.32 -21.23
C ARG A 238 12.88 -4.89 -20.53
N GLU A 239 13.14 -3.58 -20.53
CA GLU A 239 14.24 -2.90 -19.83
C GLU A 239 14.28 -3.11 -18.30
N GLN A 240 13.16 -3.53 -17.70
CA GLN A 240 13.01 -3.72 -16.26
C GLN A 240 12.77 -5.19 -15.85
N ARG A 241 12.46 -6.01 -16.86
CA ARG A 241 12.39 -7.48 -16.68
C ARG A 241 13.85 -7.98 -16.57
N ARG A 242 14.74 -7.40 -17.38
CA ARG A 242 16.19 -7.77 -17.38
C ARG A 242 16.77 -7.41 -16.00
N ARG A 243 16.42 -6.23 -15.48
CA ARG A 243 16.93 -5.80 -14.15
C ARG A 243 16.52 -6.88 -13.14
N ALA A 244 15.26 -7.37 -13.22
CA ALA A 244 14.78 -8.43 -12.35
C ALA A 244 15.54 -9.76 -12.53
N VAL A 245 15.81 -10.20 -13.75
CA VAL A 245 16.55 -11.44 -14.06
C VAL A 245 17.99 -11.38 -13.58
N GLY A 246 18.65 -10.23 -13.67
CA GLY A 246 20.01 -10.03 -13.17
C GLY A 246 20.10 -10.10 -11.65
N LEU A 247 19.23 -9.40 -10.94
CA LEU A 247 19.12 -9.47 -9.49
C LEU A 247 18.83 -10.90 -8.99
N ALA A 248 17.83 -11.58 -9.54
CA ALA A 248 17.52 -12.96 -9.20
C ALA A 248 18.68 -13.95 -9.45
N ALA A 249 19.35 -13.88 -10.61
CA ALA A 249 20.46 -14.77 -10.99
C ALA A 249 21.66 -14.64 -10.05
N VAL A 250 22.01 -13.43 -9.62
CA VAL A 250 23.09 -13.18 -8.66
C VAL A 250 22.75 -13.74 -7.27
N VAL A 251 21.53 -13.54 -6.79
CA VAL A 251 21.04 -14.13 -5.54
C VAL A 251 21.09 -15.67 -5.55
N LEU A 252 20.66 -16.33 -6.62
CA LEU A 252 20.73 -17.79 -6.76
C LEU A 252 22.17 -18.30 -6.67
N LEU A 253 23.09 -17.65 -7.37
CA LEU A 253 24.50 -18.03 -7.45
C LEU A 253 25.22 -17.82 -6.10
N ALA A 254 24.94 -16.73 -5.39
CA ALA A 254 25.44 -16.49 -4.04
C ALA A 254 24.93 -17.52 -3.01
N PHE A 255 23.66 -17.91 -3.05
CA PHE A 255 23.09 -18.96 -2.20
C PHE A 255 23.75 -20.32 -2.45
N VAL A 256 23.82 -20.76 -3.71
CA VAL A 256 24.40 -22.06 -4.09
C VAL A 256 25.89 -22.14 -3.78
N THR A 257 26.69 -21.13 -4.11
CA THR A 257 28.14 -21.17 -3.86
C THR A 257 28.53 -21.05 -2.38
N CYS A 258 27.74 -20.39 -1.54
CA CYS A 258 27.98 -20.35 -0.09
C CYS A 258 27.55 -21.63 0.64
N PHE A 259 26.32 -22.10 0.45
CA PHE A 259 25.74 -23.14 1.31
C PHE A 259 25.87 -24.56 0.78
N ALA A 260 25.92 -24.79 -0.53
CA ALA A 260 25.96 -26.14 -1.08
C ALA A 260 27.27 -26.88 -0.75
N PRO A 261 28.48 -26.30 -0.91
CA PRO A 261 29.72 -27.03 -0.65
C PRO A 261 29.84 -27.47 0.81
N ASN A 262 29.49 -26.58 1.73
CA ASN A 262 29.55 -26.85 3.15
C ASN A 262 28.61 -27.96 3.61
N ASN A 263 27.34 -27.93 3.18
CA ASN A 263 26.35 -28.87 3.66
C ASN A 263 26.44 -30.24 2.97
N PHE A 264 26.85 -30.32 1.72
CA PHE A 264 27.12 -31.63 1.11
C PHE A 264 28.43 -32.26 1.59
N VAL A 265 29.44 -31.47 2.00
CA VAL A 265 30.61 -32.00 2.72
C VAL A 265 30.25 -32.47 4.14
N LEU A 266 29.37 -31.74 4.85
CA LEU A 266 28.84 -32.17 6.14
C LEU A 266 28.11 -33.52 6.07
N LEU A 267 27.22 -33.71 5.10
CA LEU A 267 26.56 -35.00 4.88
C LEU A 267 27.55 -36.16 4.68
N ALA A 268 28.57 -35.96 3.82
CA ALA A 268 29.64 -36.93 3.62
C ALA A 268 30.49 -37.17 4.89
N HIS A 269 30.67 -36.16 5.73
CA HIS A 269 31.39 -36.39 7.01
C HIS A 269 30.52 -37.22 7.96
N ILE A 270 29.29 -36.77 8.23
CA ILE A 270 28.38 -37.45 9.17
C ILE A 270 28.24 -38.93 8.77
N VAL A 271 28.01 -39.21 7.48
CA VAL A 271 27.96 -40.58 6.96
C VAL A 271 29.27 -41.32 7.23
N SER A 272 30.41 -40.71 6.92
CA SER A 272 31.72 -41.34 7.07
C SER A 272 32.04 -41.72 8.52
N ARG A 273 31.80 -40.82 9.48
CA ARG A 273 31.93 -41.11 10.93
C ARG A 273 30.98 -42.21 11.40
N LEU A 274 29.69 -42.14 11.07
CA LEU A 274 28.70 -43.11 11.53
C LEU A 274 28.96 -44.53 11.02
N PHE A 275 29.22 -44.70 9.72
CA PHE A 275 29.16 -46.03 9.09
C PHE A 275 30.50 -46.57 8.61
N TYR A 276 31.57 -45.75 8.63
CA TYR A 276 32.91 -46.18 8.13
C TYR A 276 34.05 -45.72 9.07
N GLY A 277 33.73 -45.03 10.17
CA GLY A 277 34.68 -44.53 11.16
C GLY A 277 35.56 -43.34 10.73
N LYS A 278 35.79 -43.15 9.43
CA LYS A 278 36.62 -42.09 8.82
C LYS A 278 36.06 -40.68 9.01
N SER A 279 36.79 -39.66 8.54
CA SER A 279 36.51 -38.24 8.76
C SER A 279 36.82 -37.38 7.53
N TYR A 280 36.06 -36.28 7.40
CA TYR A 280 36.32 -35.23 6.37
C TYR A 280 36.06 -33.92 7.11
N TYR A 281 36.28 -33.90 8.43
CA TYR A 281 35.97 -32.68 9.24
C TYR A 281 36.82 -31.49 8.79
N HIS A 282 38.10 -31.72 8.52
CA HIS A 282 39.02 -30.60 8.13
C HIS A 282 38.49 -29.94 6.85
N VAL A 283 38.01 -30.73 5.89
CA VAL A 283 37.40 -30.20 4.66
C VAL A 283 36.14 -29.42 5.03
N TYR A 284 35.30 -29.99 5.89
CA TYR A 284 34.10 -29.25 6.37
C TYR A 284 34.55 -27.90 6.97
N LYS A 285 35.45 -27.94 7.95
CA LYS A 285 35.90 -26.70 8.60
C LYS A 285 36.35 -25.65 7.58
N LEU A 286 37.08 -26.05 6.53
CA LEU A 286 37.51 -25.15 5.47
C LEU A 286 36.34 -24.62 4.63
N THR A 287 35.38 -25.44 4.23
CA THR A 287 34.16 -24.94 3.55
C THR A 287 33.28 -24.07 4.46
N LEU A 288 33.41 -24.14 5.78
CA LEU A 288 32.58 -23.38 6.69
C LEU A 288 32.86 -21.87 6.60
N CYS A 289 34.10 -21.48 6.34
CA CYS A 289 34.46 -20.09 6.08
C CYS A 289 33.98 -19.56 4.72
N LEU A 290 33.89 -20.42 3.68
CA LEU A 290 33.15 -20.12 2.44
C LEU A 290 31.66 -19.89 2.71
N SER A 291 31.02 -20.66 3.59
CA SER A 291 29.61 -20.41 3.93
C SER A 291 29.39 -19.12 4.72
N CYS A 292 30.42 -18.60 5.40
CA CYS A 292 30.36 -17.34 6.15
C CYS A 292 30.56 -16.09 5.29
N LEU A 293 31.10 -16.19 4.06
CA LEU A 293 31.09 -15.09 3.10
C LEU A 293 29.68 -14.55 2.86
N ASN A 294 28.67 -15.41 3.08
CA ASN A 294 27.26 -14.98 2.91
C ASN A 294 26.98 -13.69 3.71
N ASN A 295 27.38 -13.63 4.98
CA ASN A 295 27.07 -12.45 5.80
C ASN A 295 27.52 -11.12 5.16
N CYS A 296 28.60 -11.14 4.37
CA CYS A 296 29.01 -10.03 3.53
C CYS A 296 28.16 -9.91 2.27
N LEU A 297 27.88 -11.03 1.61
CA LEU A 297 27.13 -11.01 0.36
C LEU A 297 25.70 -10.54 0.58
N ASP A 298 25.01 -11.10 1.58
CA ASP A 298 23.56 -10.77 1.81
C ASP A 298 23.31 -9.27 1.61
N PRO A 299 23.90 -8.33 2.40
CA PRO A 299 23.59 -6.92 2.25
C PRO A 299 23.81 -6.34 0.86
N PHE A 300 24.85 -6.74 0.13
CA PHE A 300 25.10 -6.27 -1.23
C PHE A 300 24.14 -6.90 -2.25
N VAL A 301 23.88 -8.20 -2.13
CA VAL A 301 23.05 -9.03 -3.00
C VAL A 301 21.55 -8.76 -2.85
N TYR A 302 21.05 -8.37 -1.68
CA TYR A 302 19.63 -8.06 -1.49
C TYR A 302 19.36 -6.57 -1.35
N TYR A 303 19.97 -5.93 -0.35
CA TYR A 303 19.59 -4.53 -0.03
C TYR A 303 20.22 -3.47 -0.94
N PHE A 304 21.56 -3.40 -0.97
CA PHE A 304 22.25 -2.33 -1.72
C PHE A 304 21.97 -2.41 -3.23
N ALA A 305 21.77 -3.61 -3.76
CA ALA A 305 21.50 -3.79 -5.18
C ALA A 305 20.20 -3.14 -5.67
N SER A 306 19.20 -2.78 -4.85
CA SER A 306 17.90 -2.36 -5.41
C SER A 306 17.62 -0.88 -5.31
N ARG A 307 17.16 -0.27 -6.41
CA ARG A 307 16.82 1.16 -6.52
C ARG A 307 15.98 1.68 -5.36
N GLU A 308 15.00 0.94 -4.86
CA GLU A 308 14.14 1.36 -3.75
C GLU A 308 14.94 1.64 -2.47
N PHE A 309 16.00 0.87 -2.22
CA PHE A 309 16.91 1.05 -1.09
C PHE A 309 17.98 2.10 -1.41
N GLN A 310 18.59 2.01 -2.60
CA GLN A 310 19.55 2.98 -3.12
C GLN A 310 19.02 4.41 -3.13
N LEU A 311 17.73 4.63 -3.44
CA LEU A 311 17.13 5.97 -3.42
C LEU A 311 17.16 6.60 -2.03
N ARG A 312 17.14 5.75 -0.99
CA ARG A 312 17.21 6.22 0.42
C ARG A 312 18.65 6.03 0.91
N LEU A 313 19.62 6.34 0.05
CA LEU A 313 21.06 6.21 0.32
C LEU A 313 21.93 7.08 -0.60
N SER B 24 -14.35 -5.93 10.46
CA SER B 24 -13.41 -6.99 10.87
C SER B 24 -12.89 -7.81 9.67
N ARG B 25 -13.54 -8.94 9.31
CA ARG B 25 -13.12 -9.83 8.19
C ARG B 25 -13.24 -9.21 6.79
N GLU B 26 -13.83 -8.04 6.67
CA GLU B 26 -13.88 -7.24 5.45
C GLU B 26 -12.48 -6.80 4.97
N LYS B 27 -11.52 -6.56 5.88
CA LYS B 27 -10.13 -6.22 5.51
C LYS B 27 -9.47 -7.29 4.63
N THR B 28 -9.66 -8.57 4.92
CA THR B 28 -9.13 -9.66 4.08
C THR B 28 -9.90 -9.87 2.76
N TYR B 29 -11.02 -9.18 2.52
CA TYR B 29 -11.61 -9.04 1.18
C TYR B 29 -11.08 -7.79 0.45
N VAL B 30 -11.10 -6.61 1.09
CA VAL B 30 -10.61 -5.36 0.49
C VAL B 30 -9.13 -5.43 0.13
N LYS B 31 -8.33 -6.22 0.86
CA LYS B 31 -6.91 -6.51 0.54
C LYS B 31 -6.71 -7.36 -0.74
N ARG B 32 -7.66 -8.22 -1.09
CA ARG B 32 -7.63 -9.07 -2.31
C ARG B 32 -8.15 -8.36 -3.57
N LEU B 33 -8.90 -7.27 -3.42
CA LEU B 33 -9.71 -6.63 -4.46
C LEU B 33 -8.89 -5.91 -5.55
N VAL B 34 -9.33 -6.04 -6.81
CA VAL B 34 -8.87 -5.23 -7.95
C VAL B 34 -9.96 -4.23 -8.39
N LYS B 35 -9.64 -2.95 -8.55
CA LYS B 35 -10.58 -1.94 -9.07
C LYS B 35 -10.25 -1.57 -10.52
N ILE B 36 -11.24 -1.65 -11.42
CA ILE B 36 -11.15 -1.22 -12.82
C ILE B 36 -12.15 -0.08 -13.06
N LEU B 37 -11.73 0.97 -13.76
CA LEU B 37 -12.61 2.08 -14.16
C LEU B 37 -13.01 1.88 -15.62
N LEU B 38 -14.30 1.80 -15.92
CA LEU B 38 -14.83 1.60 -17.26
C LEU B 38 -15.39 2.93 -17.77
N LEU B 39 -14.85 3.48 -18.87
CA LEU B 39 -15.23 4.83 -19.31
C LEU B 39 -15.30 5.05 -20.83
N GLY B 40 -15.67 4.02 -21.61
CA GLY B 40 -15.99 4.21 -23.03
C GLY B 40 -17.17 5.14 -23.30
N ALA B 41 -17.22 5.71 -24.51
CA ALA B 41 -18.27 6.65 -24.94
C ALA B 41 -19.65 5.99 -25.15
N ASP B 42 -20.72 6.78 -25.15
CA ASP B 42 -22.11 6.30 -25.14
C ASP B 42 -22.52 5.47 -26.38
N ASN B 43 -21.89 5.73 -27.53
CA ASN B 43 -22.08 5.01 -28.79
C ASN B 43 -21.31 3.67 -28.89
N SER B 44 -20.41 3.38 -27.93
CA SER B 44 -19.66 2.12 -27.84
C SER B 44 -20.51 0.92 -27.39
N GLY B 45 -19.91 -0.27 -27.35
CA GLY B 45 -20.56 -1.51 -26.88
C GLY B 45 -20.72 -1.65 -25.36
N LYS B 46 -20.52 -0.59 -24.56
CA LYS B 46 -20.41 -0.66 -23.08
C LYS B 46 -21.62 -1.29 -22.39
N SER B 47 -22.83 -0.92 -22.77
CA SER B 47 -24.06 -1.45 -22.17
C SER B 47 -24.20 -2.96 -22.40
N THR B 48 -23.94 -3.43 -23.62
CA THR B 48 -23.87 -4.88 -23.94
C THR B 48 -22.71 -5.59 -23.25
N PHE B 49 -21.55 -4.95 -23.06
CA PHE B 49 -20.42 -5.52 -22.32
C PHE B 49 -20.76 -5.75 -20.85
N LEU B 50 -21.27 -4.75 -20.14
CA LEU B 50 -21.66 -4.89 -18.74
C LEU B 50 -22.76 -5.95 -18.54
N LYS B 51 -23.74 -6.03 -19.45
CA LYS B 51 -24.76 -7.08 -19.43
C LYS B 51 -24.16 -8.47 -19.65
N GLN B 52 -23.24 -8.65 -20.61
CA GLN B 52 -22.60 -9.95 -20.83
C GLN B 52 -21.73 -10.36 -19.62
N MET B 53 -20.92 -9.44 -19.09
CA MET B 53 -20.14 -9.63 -17.86
C MET B 53 -21.00 -10.08 -16.68
N ARG B 54 -22.14 -9.41 -16.43
CA ARG B 54 -23.01 -9.72 -15.28
C ARG B 54 -23.67 -11.10 -15.39
N ILE B 55 -24.04 -11.55 -16.59
CA ILE B 55 -24.68 -12.86 -16.76
C ILE B 55 -23.68 -14.03 -16.84
N ILE B 56 -22.43 -13.82 -17.29
CA ILE B 56 -21.45 -14.91 -17.37
C ILE B 56 -20.72 -15.16 -16.04
N HIS B 57 -20.59 -14.14 -15.19
CA HIS B 57 -19.99 -14.27 -13.84
C HIS B 57 -21.07 -14.27 -12.74
N LYS B 67 -29.46 5.35 -12.91
CA LYS B 67 -29.58 6.76 -12.50
C LYS B 67 -28.36 7.61 -12.88
N GLY B 68 -27.17 7.01 -12.89
CA GLY B 68 -25.90 7.73 -13.06
C GLY B 68 -24.70 6.78 -13.00
N ILE B 69 -23.76 7.02 -12.09
CA ILE B 69 -22.66 6.08 -11.80
C ILE B 69 -23.18 4.72 -11.33
N HIS B 70 -22.52 3.64 -11.74
CA HIS B 70 -22.81 2.27 -11.29
C HIS B 70 -21.50 1.54 -10.97
N GLU B 71 -21.59 0.46 -10.21
CA GLU B 71 -20.45 -0.19 -9.57
C GLU B 71 -20.72 -1.69 -9.44
N TYR B 72 -19.99 -2.50 -10.18
CA TYR B 72 -20.27 -3.93 -10.36
C TYR B 72 -19.20 -4.79 -9.67
N ASP B 73 -19.62 -5.69 -8.80
CA ASP B 73 -18.74 -6.65 -8.13
C ASP B 73 -18.86 -8.03 -8.77
N PHE B 74 -17.75 -8.62 -9.17
CA PHE B 74 -17.66 -9.98 -9.73
C PHE B 74 -16.32 -10.61 -9.38
N GLU B 75 -16.12 -11.89 -9.71
CA GLU B 75 -14.91 -12.63 -9.38
C GLU B 75 -14.39 -13.40 -10.59
N ILE B 76 -13.13 -13.20 -10.97
CA ILE B 76 -12.46 -13.91 -12.07
C ILE B 76 -11.35 -14.77 -11.48
N LYS B 77 -11.32 -16.07 -11.77
CA LYS B 77 -10.24 -16.99 -11.35
C LYS B 77 -9.90 -16.85 -9.85
N ASN B 78 -10.95 -16.72 -9.04
CA ASN B 78 -10.96 -16.49 -7.57
C ASN B 78 -10.34 -15.18 -7.05
N VAL B 79 -10.16 -14.18 -7.91
CA VAL B 79 -9.76 -12.81 -7.56
C VAL B 79 -11.01 -11.92 -7.65
N PRO B 80 -11.39 -11.17 -6.61
CA PRO B 80 -12.51 -10.26 -6.68
C PRO B 80 -12.16 -8.98 -7.48
N PHE B 81 -12.99 -8.65 -8.46
CA PHE B 81 -12.93 -7.43 -9.27
C PHE B 81 -14.11 -6.51 -8.97
N LYS B 82 -13.84 -5.22 -8.81
CA LYS B 82 -14.84 -4.16 -8.81
C LYS B 82 -14.68 -3.27 -10.03
N MET B 83 -15.73 -3.15 -10.83
CA MET B 83 -15.72 -2.38 -12.07
C MET B 83 -16.67 -1.20 -11.99
N VAL B 84 -16.16 0.02 -12.18
CA VAL B 84 -16.95 1.25 -11.98
C VAL B 84 -17.32 1.86 -13.33
N ASP B 85 -18.62 1.96 -13.59
CA ASP B 85 -19.20 2.60 -14.77
C ASP B 85 -19.46 4.08 -14.47
N VAL B 86 -18.47 4.94 -14.67
CA VAL B 86 -18.56 6.37 -14.32
C VAL B 86 -19.55 7.13 -15.22
N GLY B 87 -20.11 8.23 -14.73
CA GLY B 87 -21.13 9.03 -15.44
C GLY B 87 -20.62 9.72 -16.71
N GLY B 88 -20.82 9.08 -17.86
CA GLY B 88 -20.62 9.62 -19.21
C GLY B 88 -21.93 9.94 -19.92
N ARG B 93 -16.04 16.64 -11.40
CA ARG B 93 -15.22 16.39 -12.59
C ARG B 93 -13.93 17.23 -12.59
N LYS B 94 -13.78 18.14 -11.63
CA LYS B 94 -12.43 18.75 -11.47
C LYS B 94 -11.65 17.68 -10.65
N ARG B 95 -10.60 18.03 -9.91
CA ARG B 95 -9.80 16.95 -9.25
C ARG B 95 -10.47 16.26 -8.05
N TRP B 96 -11.80 16.11 -8.03
CA TRP B 96 -12.39 15.29 -6.94
C TRP B 96 -12.59 13.93 -7.58
N PHE B 97 -12.36 13.89 -8.88
CA PHE B 97 -12.38 12.58 -9.56
C PHE B 97 -11.08 11.92 -9.16
N GLU B 98 -10.24 12.60 -8.36
CA GLU B 98 -9.04 11.89 -7.87
C GLU B 98 -9.35 10.74 -6.91
N CYS B 99 -10.60 10.57 -6.47
CA CYS B 99 -11.06 9.38 -5.75
C CYS B 99 -10.97 8.10 -6.62
N PHE B 100 -10.74 8.23 -7.93
CA PHE B 100 -10.36 7.14 -8.83
C PHE B 100 -8.86 6.79 -8.81
N ASP B 101 -8.02 7.31 -7.90
CA ASP B 101 -6.75 6.64 -7.62
C ASP B 101 -6.98 5.25 -6.97
N SER B 102 -5.94 4.41 -6.88
CA SER B 102 -6.02 2.98 -6.52
C SER B 102 -6.80 2.09 -7.50
N VAL B 103 -7.39 2.67 -8.56
CA VAL B 103 -7.75 1.94 -9.78
C VAL B 103 -6.48 1.29 -10.36
N THR B 104 -6.51 -0.01 -10.63
CA THR B 104 -5.35 -0.72 -11.21
C THR B 104 -5.22 -0.49 -12.71
N SER B 105 -6.36 -0.38 -13.40
CA SER B 105 -6.41 -0.25 -14.84
C SER B 105 -7.62 0.58 -15.28
N ILE B 106 -7.50 1.38 -16.32
CA ILE B 106 -8.61 2.11 -16.95
C ILE B 106 -8.97 1.39 -18.23
N LEU B 107 -10.24 1.03 -18.38
CA LEU B 107 -10.77 0.32 -19.53
C LEU B 107 -11.53 1.33 -20.40
N PHE B 108 -11.09 1.52 -21.63
CA PHE B 108 -11.69 2.43 -22.60
C PHE B 108 -12.26 1.65 -23.78
N LEU B 109 -13.52 1.91 -24.12
CA LEU B 109 -14.21 1.33 -25.28
C LEU B 109 -14.44 2.41 -26.34
N VAL B 110 -14.06 2.13 -27.60
CA VAL B 110 -14.29 2.98 -28.77
C VAL B 110 -14.94 2.17 -29.88
N ASP B 111 -15.99 2.68 -30.51
CA ASP B 111 -16.57 2.12 -31.73
C ASP B 111 -15.73 2.50 -32.95
N SER B 112 -14.80 1.62 -33.32
CA SER B 112 -13.82 1.83 -34.38
C SER B 112 -14.45 2.21 -35.74
N SER B 113 -15.65 1.73 -36.02
CA SER B 113 -16.40 1.92 -37.27
C SER B 113 -16.92 3.33 -37.51
N ASP B 114 -17.16 4.13 -36.47
CA ASP B 114 -17.81 5.45 -36.61
C ASP B 114 -16.81 6.57 -36.87
N PHE B 115 -16.18 6.55 -38.05
CA PHE B 115 -15.05 7.42 -38.40
C PHE B 115 -15.35 8.92 -38.23
N ASN B 126 -16.62 9.32 -38.36
CA ASN B 126 -17.08 10.71 -38.24
C ASN B 126 -16.94 11.28 -36.81
N ARG B 127 -17.00 10.45 -35.76
CA ARG B 127 -16.82 10.87 -34.35
C ARG B 127 -15.72 10.10 -33.60
N LEU B 128 -14.86 9.37 -34.32
CA LEU B 128 -13.61 8.81 -33.82
C LEU B 128 -12.72 9.91 -33.23
N THR B 129 -12.65 11.09 -33.86
CA THR B 129 -11.89 12.26 -33.35
C THR B 129 -12.41 12.75 -31.98
N GLU B 130 -13.71 12.72 -31.75
CA GLU B 130 -14.31 13.05 -30.45
C GLU B 130 -13.93 12.01 -29.40
N SER B 131 -14.04 10.71 -29.72
CA SER B 131 -13.61 9.62 -28.85
C SER B 131 -12.12 9.72 -28.50
N LEU B 132 -11.29 10.13 -29.45
CA LEU B 132 -9.85 10.29 -29.30
C LEU B 132 -9.49 11.52 -28.45
N ASN B 133 -10.23 12.62 -28.56
CA ASN B 133 -10.08 13.76 -27.66
C ASN B 133 -10.52 13.41 -26.23
N ASP B 134 -11.61 12.66 -26.07
CA ASP B 134 -12.07 12.20 -24.75
C ASP B 134 -10.98 11.38 -24.04
N PHE B 135 -10.48 10.35 -24.74
CA PHE B 135 -9.31 9.56 -24.35
C PHE B 135 -8.09 10.43 -23.98
N GLU B 136 -7.77 11.46 -24.78
CA GLU B 136 -6.63 12.37 -24.49
C GLU B 136 -6.79 13.13 -23.16
N THR B 137 -8.01 13.47 -22.75
CA THR B 137 -8.25 14.12 -21.44
C THR B 137 -8.10 13.15 -20.26
N ILE B 138 -8.30 11.85 -20.48
CA ILE B 138 -8.13 10.80 -19.46
C ILE B 138 -6.66 10.41 -19.32
N VAL B 139 -6.04 9.94 -20.41
CA VAL B 139 -4.77 9.22 -20.38
C VAL B 139 -3.59 10.08 -19.92
N ASN B 140 -3.71 11.41 -19.99
CA ASN B 140 -2.67 12.38 -19.62
C ASN B 140 -2.87 13.04 -18.23
N ASN B 141 -3.86 12.64 -17.43
CA ASN B 141 -4.09 13.13 -16.07
C ASN B 141 -3.05 12.57 -15.07
N ARG B 142 -2.58 13.37 -14.11
CA ARG B 142 -1.53 13.01 -13.15
C ARG B 142 -1.88 11.82 -12.25
N VAL B 143 -3.13 11.67 -11.82
CA VAL B 143 -3.56 10.51 -11.00
C VAL B 143 -3.52 9.20 -11.77
N PHE B 144 -3.64 9.25 -13.09
CA PHE B 144 -3.57 8.10 -13.99
C PHE B 144 -2.16 7.91 -14.58
N SER B 145 -1.13 8.42 -13.91
CA SER B 145 0.29 8.22 -14.25
C SER B 145 0.82 6.81 -13.93
N ASN B 146 0.14 6.08 -13.04
CA ASN B 146 0.55 4.75 -12.55
C ASN B 146 -0.56 3.69 -12.68
N VAL B 147 -1.62 3.97 -13.45
CA VAL B 147 -2.69 3.02 -13.79
C VAL B 147 -2.49 2.58 -15.23
N SER B 148 -2.61 1.30 -15.55
CA SER B 148 -2.47 0.88 -16.96
C SER B 148 -3.72 1.23 -17.77
N ILE B 149 -3.57 1.40 -19.08
CA ILE B 149 -4.70 1.71 -19.98
C ILE B 149 -5.02 0.46 -20.81
N ILE B 150 -6.28 0.06 -20.90
CA ILE B 150 -6.75 -0.97 -21.82
C ILE B 150 -7.69 -0.32 -22.83
N LEU B 151 -7.44 -0.51 -24.12
CA LEU B 151 -8.36 -0.14 -25.20
C LEU B 151 -9.05 -1.38 -25.76
N PHE B 152 -10.37 -1.35 -25.85
CA PHE B 152 -11.10 -2.18 -26.80
C PHE B 152 -11.56 -1.30 -27.96
N LEU B 153 -11.11 -1.64 -29.16
CA LEU B 153 -11.70 -1.17 -30.40
C LEU B 153 -12.90 -2.08 -30.69
N ASN B 154 -14.10 -1.61 -30.34
CA ASN B 154 -15.36 -2.29 -30.57
C ASN B 154 -15.82 -2.24 -32.04
N LYS B 155 -16.87 -3.00 -32.34
CA LYS B 155 -17.58 -3.03 -33.63
C LYS B 155 -16.70 -3.53 -34.79
N THR B 156 -15.67 -4.33 -34.56
CA THR B 156 -14.74 -4.70 -35.66
C THR B 156 -15.36 -5.61 -36.72
N ASP B 157 -16.50 -6.24 -36.41
CA ASP B 157 -17.40 -6.90 -37.37
C ASP B 157 -18.19 -5.92 -38.26
N LEU B 158 -18.35 -4.65 -37.86
CA LEU B 158 -18.80 -3.56 -38.73
C LEU B 158 -17.60 -2.92 -39.46
N LEU B 159 -16.44 -2.80 -38.81
CA LEU B 159 -15.22 -2.25 -39.43
C LEU B 159 -14.79 -3.04 -40.67
N GLU B 160 -14.80 -4.37 -40.62
CA GLU B 160 -14.44 -5.23 -41.77
C GLU B 160 -15.41 -5.13 -42.96
N GLU B 161 -16.60 -4.54 -42.76
CA GLU B 161 -17.48 -4.14 -43.86
C GLU B 161 -17.21 -2.70 -44.31
N LYS B 162 -17.24 -1.71 -43.40
CA LYS B 162 -17.09 -0.29 -43.77
C LYS B 162 -15.76 0.03 -44.46
N VAL B 163 -14.69 -0.68 -44.12
CA VAL B 163 -13.38 -0.57 -44.78
C VAL B 163 -13.46 -0.83 -46.30
N GLN B 164 -14.40 -1.67 -46.75
CA GLN B 164 -14.62 -1.96 -48.18
C GLN B 164 -15.46 -0.88 -48.90
N ILE B 165 -16.05 0.07 -48.16
CA ILE B 165 -17.08 1.00 -48.64
C ILE B 165 -16.61 2.46 -48.65
N VAL B 166 -15.82 2.89 -47.65
CA VAL B 166 -15.43 4.31 -47.50
C VAL B 166 -13.97 4.48 -47.07
N SER B 167 -13.32 5.54 -47.54
CA SER B 167 -11.95 5.93 -47.18
C SER B 167 -11.85 6.44 -45.74
N ILE B 168 -10.90 5.93 -44.96
CA ILE B 168 -10.59 6.44 -43.62
C ILE B 168 -9.76 7.72 -43.74
N LYS B 169 -8.82 7.81 -44.70
CA LYS B 169 -7.99 8.99 -44.96
C LYS B 169 -8.80 10.28 -45.19
N ASP B 170 -10.03 10.19 -45.68
CA ASP B 170 -10.90 11.36 -45.85
C ASP B 170 -11.22 12.10 -44.53
N TYR B 171 -11.08 11.43 -43.38
CA TYR B 171 -11.34 11.99 -42.05
C TYR B 171 -10.08 12.50 -41.31
N PHE B 172 -8.85 12.26 -41.81
CA PHE B 172 -7.61 12.46 -41.06
C PHE B 172 -6.44 13.03 -41.87
N LEU B 173 -5.48 13.66 -41.20
CA LEU B 173 -4.28 14.25 -41.82
C LEU B 173 -3.18 13.20 -42.11
N GLU B 174 -2.97 12.26 -41.19
CA GLU B 174 -1.87 11.28 -41.23
C GLU B 174 -1.97 10.27 -42.39
N PHE B 175 -0.83 9.78 -42.87
CA PHE B 175 -0.76 8.77 -43.94
C PHE B 175 -1.36 7.43 -43.49
N GLU B 176 -2.28 6.90 -44.29
CA GLU B 176 -3.18 5.81 -43.89
C GLU B 176 -2.95 4.49 -44.66
N GLY B 177 -2.05 4.45 -45.64
CA GLY B 177 -1.89 3.30 -46.55
C GLY B 177 -3.06 3.17 -47.54
N ASP B 178 -3.23 1.99 -48.16
CA ASP B 178 -4.39 1.72 -49.03
C ASP B 178 -5.67 1.46 -48.20
N PRO B 179 -6.79 2.16 -48.47
CA PRO B 179 -7.93 2.21 -47.55
C PRO B 179 -8.77 0.93 -47.46
N HIS B 180 -8.57 -0.06 -48.34
CA HIS B 180 -9.38 -1.28 -48.42
C HIS B 180 -8.84 -2.48 -47.62
N CYS B 181 -7.74 -2.32 -46.87
CA CYS B 181 -7.11 -3.40 -46.11
C CYS B 181 -7.40 -3.33 -44.59
N LEU B 182 -7.83 -4.45 -44.00
CA LEU B 182 -8.12 -4.55 -42.55
C LEU B 182 -6.91 -4.21 -41.69
N ARG B 183 -5.78 -4.88 -41.94
CA ARG B 183 -4.57 -4.76 -41.11
C ARG B 183 -4.06 -3.32 -41.07
N ASP B 184 -4.21 -2.59 -42.16
CA ASP B 184 -3.82 -1.19 -42.28
C ASP B 184 -4.77 -0.25 -41.52
N VAL B 185 -6.11 -0.40 -41.61
CA VAL B 185 -7.01 0.42 -40.76
C VAL B 185 -6.83 0.10 -39.28
N GLN B 186 -6.66 -1.18 -38.93
CA GLN B 186 -6.42 -1.59 -37.55
C GLN B 186 -5.16 -0.92 -36.99
N LYS B 187 -3.99 -1.11 -37.62
CA LYS B 187 -2.74 -0.53 -37.13
C LYS B 187 -2.72 1.00 -37.20
N PHE B 188 -3.43 1.61 -38.14
CA PHE B 188 -3.64 3.06 -38.19
C PHE B 188 -4.42 3.59 -36.98
N LEU B 189 -5.60 3.02 -36.69
CA LEU B 189 -6.44 3.43 -35.56
C LEU B 189 -5.74 3.19 -34.22
N VAL B 190 -5.15 2.00 -34.04
CA VAL B 190 -4.34 1.67 -32.86
C VAL B 190 -3.23 2.69 -32.67
N GLU B 191 -2.44 3.00 -33.70
CA GLU B 191 -1.36 3.97 -33.57
C GLU B 191 -1.88 5.39 -33.34
N CYS B 192 -3.01 5.79 -33.92
CA CYS B 192 -3.57 7.12 -33.72
C CYS B 192 -4.00 7.36 -32.26
N PHE B 193 -4.67 6.37 -31.63
CA PHE B 193 -4.94 6.40 -30.19
C PHE B 193 -3.66 6.30 -29.36
N ARG B 194 -2.78 5.33 -29.65
CA ARG B 194 -1.54 5.13 -28.90
C ARG B 194 -0.68 6.40 -28.90
N ASN B 195 -0.40 7.00 -30.05
CA ASN B 195 0.45 8.18 -30.17
C ASN B 195 -0.16 9.47 -29.54
N LYS B 196 -1.43 9.44 -29.14
CA LYS B 196 -2.10 10.54 -28.39
C LYS B 196 -1.67 10.64 -26.92
N ARG B 197 -0.94 9.64 -26.39
CA ARG B 197 -0.26 9.72 -25.08
C ARG B 197 0.79 10.84 -25.07
N ARG B 198 0.97 11.53 -23.95
CA ARG B 198 2.04 12.54 -23.76
C ARG B 198 3.11 12.00 -22.81
N ASP B 199 4.34 11.87 -23.32
CA ASP B 199 5.54 11.50 -22.56
C ASP B 199 5.36 10.28 -21.64
N GLN B 200 4.80 9.18 -22.17
CA GLN B 200 4.46 7.98 -21.41
C GLN B 200 5.69 7.15 -21.01
N GLN B 201 5.87 6.94 -19.70
CA GLN B 201 6.81 6.00 -19.08
C GLN B 201 6.13 5.30 -17.89
N GLN B 202 6.78 4.26 -17.37
CA GLN B 202 6.35 3.32 -16.33
C GLN B 202 5.06 2.52 -16.61
N LYS B 203 3.95 3.17 -16.99
CA LYS B 203 2.67 2.50 -17.26
C LYS B 203 2.64 1.91 -18.67
N PRO B 204 2.14 0.68 -18.87
CA PRO B 204 1.82 0.14 -20.18
C PRO B 204 0.46 0.63 -20.70
N LEU B 205 0.28 0.56 -22.02
CA LEU B 205 -1.02 0.68 -22.68
C LEU B 205 -1.25 -0.55 -23.55
N TYR B 206 -2.43 -1.14 -23.44
CA TYR B 206 -2.84 -2.37 -24.09
C TYR B 206 -4.01 -2.09 -25.04
N HIS B 207 -4.15 -2.87 -26.10
CA HIS B 207 -5.21 -2.69 -27.09
C HIS B 207 -5.70 -4.04 -27.63
N HIS B 208 -7.00 -4.16 -27.90
CA HIS B 208 -7.63 -5.36 -28.47
C HIS B 208 -8.80 -4.99 -29.40
N PHE B 209 -9.19 -5.94 -30.24
CA PHE B 209 -10.28 -5.80 -31.22
C PHE B 209 -11.51 -6.62 -30.76
N THR B 210 -12.67 -5.99 -30.70
CA THR B 210 -13.89 -6.57 -30.11
C THR B 210 -15.10 -6.48 -31.05
N THR B 211 -15.80 -7.60 -31.26
CA THR B 211 -16.99 -7.74 -32.11
C THR B 211 -18.28 -7.34 -31.37
N ALA B 212 -19.45 -7.70 -31.90
CA ALA B 212 -20.63 -7.94 -31.08
C ALA B 212 -20.25 -8.91 -29.94
N ILE B 213 -20.79 -8.69 -28.74
CA ILE B 213 -20.13 -9.06 -27.48
C ILE B 213 -19.86 -10.57 -27.30
N ASN B 214 -18.72 -10.89 -26.68
CA ASN B 214 -18.25 -12.25 -26.40
C ASN B 214 -17.61 -12.36 -24.99
N THR B 215 -17.49 -13.59 -24.47
CA THR B 215 -17.09 -13.87 -23.08
C THR B 215 -15.63 -13.55 -22.75
N GLU B 216 -14.74 -13.61 -23.74
CA GLU B 216 -13.28 -13.61 -23.51
C GLU B 216 -12.71 -12.24 -23.06
N ASN B 217 -13.49 -11.17 -23.13
CA ASN B 217 -13.09 -9.83 -22.65
C ASN B 217 -12.65 -9.85 -21.18
N ALA B 218 -13.30 -10.61 -20.31
CA ALA B 218 -12.89 -10.72 -18.91
C ALA B 218 -11.51 -11.38 -18.73
N ARG B 219 -11.13 -12.30 -19.64
CA ARG B 219 -9.81 -12.95 -19.64
C ARG B 219 -8.72 -12.01 -20.13
N LEU B 220 -9.01 -11.18 -21.13
CA LEU B 220 -8.11 -10.14 -21.62
C LEU B 220 -7.80 -9.10 -20.54
N ILE B 221 -8.81 -8.54 -19.88
CA ILE B 221 -8.57 -7.56 -18.80
C ILE B 221 -7.95 -8.20 -17.55
N PHE B 222 -8.18 -9.48 -17.29
CA PHE B 222 -7.48 -10.22 -16.23
C PHE B 222 -5.98 -10.29 -16.52
N ARG B 223 -5.59 -10.65 -17.75
CA ARG B 223 -4.18 -10.81 -18.16
C ARG B 223 -3.42 -9.49 -18.17
N ASP B 224 -4.03 -8.40 -18.63
CA ASP B 224 -3.44 -7.06 -18.60
C ASP B 224 -3.30 -6.51 -17.18
N VAL B 225 -4.30 -6.74 -16.31
CA VAL B 225 -4.17 -6.47 -14.88
C VAL B 225 -3.08 -7.34 -14.24
N LYS B 226 -3.02 -8.64 -14.52
CA LYS B 226 -1.98 -9.54 -13.99
C LYS B 226 -0.59 -9.04 -14.35
N ASP B 227 -0.38 -8.63 -15.60
CA ASP B 227 0.87 -8.08 -16.08
C ASP B 227 1.20 -6.71 -15.49
N THR B 228 0.18 -5.88 -15.24
CA THR B 228 0.32 -4.60 -14.54
C THR B 228 0.78 -4.82 -13.10
N ILE B 229 0.25 -5.83 -12.43
CA ILE B 229 0.59 -6.15 -11.04
C ILE B 229 1.92 -6.92 -10.95
N LEU B 230 2.34 -7.75 -11.91
CA LEU B 230 3.68 -8.33 -11.95
C LEU B 230 4.76 -7.24 -11.99
N HIS B 231 4.64 -6.27 -12.90
CA HIS B 231 5.57 -5.15 -13.00
C HIS B 231 5.52 -4.17 -11.83
N ASP B 232 4.42 -4.09 -11.09
CA ASP B 232 4.38 -3.43 -9.77
C ASP B 232 5.10 -4.26 -8.70
N ASN B 233 4.81 -5.56 -8.61
CA ASN B 233 5.39 -6.47 -7.62
C ASN B 233 6.91 -6.47 -7.65
N LEU B 234 7.56 -6.47 -8.82
CA LEU B 234 9.00 -6.34 -8.94
C LEU B 234 9.61 -5.18 -8.13
N LYS B 235 8.90 -4.06 -7.97
CA LYS B 235 9.30 -2.94 -7.11
C LYS B 235 9.11 -3.23 -5.62
N GLN B 236 7.99 -3.87 -5.25
CA GLN B 236 7.68 -4.26 -3.87
C GLN B 236 8.63 -5.35 -3.33
N LEU B 237 9.05 -6.27 -4.21
CA LEU B 237 10.01 -7.36 -3.96
C LEU B 237 11.48 -6.90 -3.92
N MET B 238 11.76 -5.61 -4.11
CA MET B 238 13.11 -5.04 -4.19
C MET B 238 13.99 -5.73 -5.24
N LEU B 239 13.40 -5.87 -6.43
CA LEU B 239 13.88 -6.72 -7.52
C LEU B 239 13.83 -6.00 -8.89
N GLN B 240 13.40 -4.74 -8.96
CA GLN B 240 12.91 -4.11 -10.20
C GLN B 240 13.93 -4.13 -11.34
N ARG C 72 3.19 28.32 21.70
CA ARG C 72 3.31 27.09 20.87
C ARG C 72 2.58 25.93 21.56
N ILE C 73 1.78 25.15 20.81
CA ILE C 73 1.06 23.95 21.29
C ILE C 73 1.68 22.70 20.65
N GLN C 74 2.07 21.73 21.47
CA GLN C 74 2.59 20.42 21.04
C GLN C 74 1.55 19.33 21.31
N MET C 75 0.52 19.23 20.47
CA MET C 75 -0.50 18.18 20.60
C MET C 75 0.10 16.79 20.40
N ARG C 76 -0.39 15.80 21.17
CA ARG C 76 0.03 14.38 21.11
C ARG C 76 -1.17 13.49 20.83
N THR C 77 -0.95 12.36 20.17
CA THR C 77 -2.01 11.39 19.83
C THR C 77 -2.52 10.72 21.11
N ARG C 78 -3.75 11.02 21.52
CA ARG C 78 -4.40 10.47 22.73
C ARG C 78 -5.18 9.18 22.46
N ARG C 79 -5.57 8.94 21.21
CA ARG C 79 -6.19 7.68 20.75
C ARG C 79 -5.96 7.46 19.25
N THR C 80 -5.94 6.21 18.81
CA THR C 80 -5.94 5.82 17.40
C THR C 80 -7.09 4.85 17.15
N LEU C 81 -7.88 5.08 16.08
CA LEU C 81 -9.08 4.30 15.77
C LEU C 81 -8.81 3.43 14.54
N ARG C 82 -8.94 2.10 14.67
CA ARG C 82 -8.71 1.11 13.61
C ARG C 82 -9.99 0.36 13.25
N GLY C 83 -10.38 0.40 11.98
CA GLY C 83 -11.63 -0.21 11.51
C GLY C 83 -12.01 0.16 10.08
N HIS C 84 -11.69 1.37 9.62
CA HIS C 84 -11.77 1.72 8.19
C HIS C 84 -10.67 0.99 7.41
N LEU C 85 -10.90 0.75 6.12
CA LEU C 85 -10.08 -0.14 5.28
C LEU C 85 -9.39 0.60 4.13
N ALA C 86 -9.96 1.73 3.70
CA ALA C 86 -9.43 2.62 2.67
C ALA C 86 -9.40 4.07 3.18
N LYS C 87 -8.89 4.98 2.35
CA LYS C 87 -8.70 6.39 2.71
C LYS C 87 -9.98 7.03 3.28
N ILE C 88 -9.87 7.62 4.47
CA ILE C 88 -10.95 8.36 5.11
C ILE C 88 -11.19 9.65 4.32
N TYR C 89 -12.44 10.08 4.19
CA TYR C 89 -12.83 11.22 3.36
C TYR C 89 -13.70 12.25 4.09
N ALA C 90 -14.34 11.90 5.21
CA ALA C 90 -15.03 12.84 6.09
C ALA C 90 -15.18 12.27 7.52
N MET C 91 -15.42 13.15 8.50
CA MET C 91 -15.90 12.78 9.82
C MET C 91 -16.67 13.93 10.47
N HIS C 92 -17.51 13.63 11.45
CA HIS C 92 -18.31 14.64 12.16
C HIS C 92 -18.56 14.20 13.61
N TRP C 93 -18.20 15.04 14.59
CA TRP C 93 -18.57 14.83 15.99
C TRP C 93 -20.07 14.97 16.21
N GLY C 94 -20.61 14.25 17.20
CA GLY C 94 -21.97 14.48 17.70
C GLY C 94 -22.06 15.64 18.71
N THR C 95 -23.27 16.17 18.90
CA THR C 95 -23.55 17.24 19.89
C THR C 95 -23.41 16.75 21.33
N ASP C 96 -23.51 15.44 21.56
CA ASP C 96 -23.16 14.78 22.83
C ASP C 96 -21.66 14.91 23.19
N SER C 97 -20.83 15.38 22.25
CA SER C 97 -19.41 15.67 22.42
C SER C 97 -18.53 14.46 22.80
N ARG C 98 -19.02 13.24 22.54
CA ARG C 98 -18.40 11.96 22.94
C ARG C 98 -18.40 10.92 21.82
N LEU C 99 -19.48 10.82 21.05
CA LEU C 99 -19.55 10.03 19.82
C LEU C 99 -19.07 10.84 18.61
N LEU C 100 -18.55 10.15 17.59
CA LEU C 100 -18.33 10.73 16.25
C LEU C 100 -18.69 9.73 15.17
N VAL C 101 -19.25 10.22 14.06
CA VAL C 101 -19.36 9.47 12.80
C VAL C 101 -18.15 9.76 11.92
N SER C 102 -17.76 8.80 11.08
CA SER C 102 -16.62 8.90 10.18
C SER C 102 -16.92 8.10 8.91
N ALA C 103 -16.33 8.47 7.78
CA ALA C 103 -16.59 7.87 6.47
C ALA C 103 -15.32 7.68 5.63
N SER C 104 -15.28 6.65 4.80
CA SER C 104 -14.12 6.31 3.97
C SER C 104 -14.52 5.83 2.58
N GLN C 105 -13.56 5.79 1.67
CA GLN C 105 -13.76 5.26 0.31
C GLN C 105 -14.01 3.74 0.26
N ASP C 106 -14.04 3.02 1.40
CA ASP C 106 -14.57 1.65 1.48
C ASP C 106 -16.08 1.58 1.80
N GLY C 107 -16.75 2.73 1.99
CA GLY C 107 -18.21 2.81 2.00
C GLY C 107 -18.89 2.33 3.28
N LYS C 108 -18.21 2.38 4.44
CA LYS C 108 -18.83 2.23 5.77
C LYS C 108 -18.82 3.57 6.48
N LEU C 109 -19.94 3.98 7.09
CA LEU C 109 -19.86 4.87 8.24
C LEU C 109 -19.46 4.04 9.46
N ILE C 110 -18.64 4.58 10.35
CA ILE C 110 -18.45 4.00 11.67
C ILE C 110 -18.71 5.08 12.70
N ILE C 111 -19.54 4.75 13.68
CA ILE C 111 -19.82 5.58 14.84
C ILE C 111 -18.95 5.03 15.97
N TRP C 112 -18.14 5.89 16.57
CA TRP C 112 -17.15 5.54 17.59
C TRP C 112 -17.49 6.22 18.90
N ASP C 113 -17.11 5.60 20.02
CA ASP C 113 -17.02 6.29 21.31
C ASP C 113 -15.55 6.69 21.56
N SER C 114 -15.28 7.99 21.67
CA SER C 114 -13.91 8.52 21.79
C SER C 114 -13.31 8.44 23.20
N TYR C 115 -14.08 8.03 24.22
CA TYR C 115 -13.54 7.70 25.54
C TYR C 115 -12.99 6.27 25.58
N THR C 116 -13.59 5.34 24.82
CA THR C 116 -13.40 3.89 25.00
C THR C 116 -12.98 3.12 23.75
N THR C 117 -12.94 3.75 22.57
CA THR C 117 -12.61 3.14 21.27
C THR C 117 -13.66 2.11 20.77
N ASN C 118 -14.82 2.01 21.42
CA ASN C 118 -15.89 1.11 20.98
C ASN C 118 -16.46 1.53 19.61
N LYS C 119 -16.61 0.58 18.68
CA LYS C 119 -17.34 0.75 17.42
C LYS C 119 -18.85 0.58 17.66
N VAL C 120 -19.46 1.62 18.25
CA VAL C 120 -20.87 1.66 18.70
C VAL C 120 -21.85 1.29 17.59
N HIS C 121 -21.58 1.71 16.35
CA HIS C 121 -22.22 1.19 15.14
C HIS C 121 -21.21 1.15 13.99
N ALA C 122 -21.45 0.27 13.02
CA ALA C 122 -20.93 0.37 11.68
C ALA C 122 -22.10 0.26 10.70
N ILE C 123 -22.15 1.10 9.67
CA ILE C 123 -23.27 1.21 8.74
C ILE C 123 -22.73 1.06 7.31
N PRO C 124 -23.02 -0.03 6.60
CA PRO C 124 -22.63 -0.16 5.19
C PRO C 124 -23.50 0.76 4.33
N LEU C 125 -22.87 1.58 3.50
CA LEU C 125 -23.54 2.54 2.62
C LEU C 125 -23.97 1.94 1.28
N ARG C 126 -24.99 2.56 0.67
CA ARG C 126 -25.57 2.15 -0.63
C ARG C 126 -24.66 2.41 -1.83
N SER C 127 -23.71 3.34 -1.72
CA SER C 127 -22.65 3.59 -2.71
C SER C 127 -21.30 3.86 -2.06
N SER C 128 -20.21 3.29 -2.61
CA SER C 128 -18.87 3.35 -2.01
C SER C 128 -18.21 4.73 -2.05
N TRP C 129 -18.68 5.63 -2.93
CA TRP C 129 -18.02 6.90 -3.27
C TRP C 129 -18.40 8.06 -2.35
N VAL C 130 -18.53 7.79 -1.05
CA VAL C 130 -18.94 8.78 -0.04
C VAL C 130 -17.87 9.86 0.12
N MET C 131 -18.27 11.12 -0.01
CA MET C 131 -17.39 12.29 0.06
C MET C 131 -17.75 13.22 1.22
N THR C 132 -18.91 13.02 1.86
CA THR C 132 -19.34 13.76 3.04
C THR C 132 -20.24 12.91 3.93
N CYS C 133 -20.24 13.16 5.23
CA CYS C 133 -21.18 12.58 6.19
C CYS C 133 -21.49 13.55 7.34
N ALA C 134 -22.60 13.35 8.04
CA ALA C 134 -23.09 14.23 9.09
C ALA C 134 -23.85 13.47 10.19
N TYR C 135 -23.94 14.08 11.38
CA TYR C 135 -24.62 13.59 12.58
C TYR C 135 -25.65 14.63 13.03
N ALA C 136 -26.91 14.23 13.25
CA ALA C 136 -27.99 15.17 13.56
C ALA C 136 -27.88 15.78 14.98
N PRO C 137 -28.38 17.01 15.23
CA PRO C 137 -28.25 17.70 16.53
C PRO C 137 -28.78 16.97 17.78
N SER C 138 -29.68 16.00 17.62
CA SER C 138 -30.21 15.13 18.68
C SER C 138 -29.42 13.83 18.89
N GLY C 139 -28.63 13.39 17.90
CA GLY C 139 -28.07 12.04 17.80
C GLY C 139 -29.04 10.96 17.31
N ASN C 140 -30.28 11.30 16.92
CA ASN C 140 -31.24 10.31 16.40
C ASN C 140 -30.90 9.81 14.98
N TYR C 141 -30.20 10.60 14.17
CA TYR C 141 -29.96 10.33 12.75
C TYR C 141 -28.53 10.66 12.30
N VAL C 142 -28.10 10.07 11.19
CA VAL C 142 -26.88 10.41 10.46
C VAL C 142 -27.17 10.48 8.96
N ALA C 143 -26.28 11.09 8.18
CA ALA C 143 -26.44 11.27 6.75
C ALA C 143 -25.12 11.19 5.99
N CYS C 144 -25.15 10.96 4.68
CA CYS C 144 -23.97 11.01 3.81
C CYS C 144 -24.31 11.16 2.31
N GLY C 145 -23.32 11.48 1.47
CA GLY C 145 -23.47 11.55 0.01
C GLY C 145 -22.15 11.64 -0.76
N GLY C 146 -22.20 11.61 -2.10
CA GLY C 146 -21.01 11.75 -2.95
C GLY C 146 -21.33 11.71 -4.46
N LEU C 147 -20.59 10.90 -5.22
CA LEU C 147 -20.78 10.75 -6.67
C LEU C 147 -22.14 10.17 -7.09
N ASP C 148 -22.94 9.66 -6.14
CA ASP C 148 -24.32 9.24 -6.37
C ASP C 148 -25.33 10.39 -6.56
N ASN C 149 -24.91 11.65 -6.35
CA ASN C 149 -25.75 12.86 -6.42
C ASN C 149 -26.92 12.87 -5.41
N ILE C 150 -26.81 12.12 -4.30
CA ILE C 150 -27.88 11.86 -3.31
C ILE C 150 -27.39 12.22 -1.90
N CYS C 151 -28.31 12.56 -0.99
CA CYS C 151 -28.03 12.68 0.45
C CYS C 151 -28.90 11.69 1.25
N SER C 152 -28.38 10.48 1.51
CA SER C 152 -29.08 9.43 2.25
C SER C 152 -29.09 9.70 3.75
N ILE C 153 -30.24 9.53 4.41
CA ILE C 153 -30.41 9.68 5.87
C ILE C 153 -30.62 8.30 6.52
N TYR C 154 -29.97 8.02 7.64
CA TYR C 154 -30.08 6.79 8.43
C TYR C 154 -30.58 7.09 9.85
N ASN C 155 -31.39 6.19 10.42
CA ASN C 155 -31.96 6.31 11.77
C ASN C 155 -31.21 5.39 12.75
N LEU C 156 -30.65 5.96 13.82
CA LEU C 156 -29.89 5.22 14.84
C LEU C 156 -30.76 4.66 15.98
N LYS C 157 -32.04 5.08 16.09
CA LYS C 157 -32.92 4.85 17.24
C LYS C 157 -34.20 4.08 16.87
N THR C 158 -34.09 3.12 15.96
CA THR C 158 -35.17 2.20 15.57
C THR C 158 -35.59 1.31 16.76
N ARG C 159 -36.87 0.92 16.83
CA ARG C 159 -37.40 0.05 17.90
C ARG C 159 -36.88 -1.39 17.81
N GLU C 160 -36.66 -1.89 16.59
CA GLU C 160 -36.12 -3.22 16.34
C GLU C 160 -34.61 -3.32 16.66
N GLY C 161 -33.88 -2.20 16.56
CA GLY C 161 -32.48 -2.05 16.98
C GLY C 161 -31.46 -1.92 15.84
N ASN C 162 -31.74 -2.46 14.65
CA ASN C 162 -30.84 -2.32 13.49
C ASN C 162 -31.02 -0.95 12.81
N VAL C 163 -29.92 -0.35 12.32
CA VAL C 163 -29.91 0.94 11.62
C VAL C 163 -30.48 0.80 10.22
N ARG C 164 -31.35 1.73 9.80
CA ARG C 164 -32.03 1.70 8.50
C ARG C 164 -32.23 3.10 7.89
N VAL C 165 -32.45 3.16 6.57
CA VAL C 165 -32.65 4.42 5.82
C VAL C 165 -33.97 5.09 6.22
N SER C 166 -33.89 6.35 6.64
CA SER C 166 -35.03 7.24 6.95
C SER C 166 -35.52 8.02 5.72
N ARG C 167 -34.59 8.46 4.84
CA ARG C 167 -34.91 9.15 3.59
C ARG C 167 -33.75 9.09 2.59
N GLU C 168 -34.03 9.31 1.31
CA GLU C 168 -33.08 9.23 0.19
C GLU C 168 -33.21 10.51 -0.67
N LEU C 169 -32.68 11.63 -0.19
CA LEU C 169 -32.88 12.95 -0.79
C LEU C 169 -32.13 13.07 -2.13
N ALA C 170 -32.86 13.27 -3.23
CA ALA C 170 -32.32 13.28 -4.59
C ALA C 170 -32.81 14.49 -5.41
N GLY C 171 -31.95 15.08 -6.22
CA GLY C 171 -32.31 16.22 -7.10
C GLY C 171 -31.16 17.15 -7.52
N HIS C 172 -29.95 17.02 -6.94
CA HIS C 172 -28.77 17.70 -7.47
C HIS C 172 -28.34 17.15 -8.83
N THR C 173 -27.74 18.00 -9.66
CA THR C 173 -27.19 17.67 -10.97
C THR C 173 -25.75 17.16 -10.87
N GLY C 174 -25.00 17.61 -9.87
CA GLY C 174 -23.62 17.20 -9.61
C GLY C 174 -23.45 16.33 -8.37
N TYR C 175 -22.23 15.83 -8.16
CA TYR C 175 -21.86 15.07 -6.98
C TYR C 175 -22.05 15.90 -5.70
N LEU C 176 -22.51 15.27 -4.63
CA LEU C 176 -22.72 15.96 -3.35
C LEU C 176 -21.38 16.22 -2.68
N SER C 177 -21.03 17.47 -2.45
CA SER C 177 -19.73 17.84 -1.86
C SER C 177 -19.81 18.08 -0.34
N CYS C 178 -20.94 18.54 0.19
CA CYS C 178 -21.16 18.67 1.63
C CYS C 178 -22.65 18.59 2.00
N CYS C 179 -22.97 18.14 3.22
CA CYS C 179 -24.31 18.25 3.81
C CYS C 179 -24.23 18.45 5.33
N ARG C 180 -25.18 19.21 5.89
CA ARG C 180 -25.25 19.48 7.35
C ARG C 180 -26.71 19.63 7.79
N PHE C 181 -27.09 18.94 8.86
CA PHE C 181 -28.42 19.03 9.47
C PHE C 181 -28.65 20.40 10.13
N LEU C 182 -29.90 20.86 10.16
CA LEU C 182 -30.36 21.99 10.97
C LEU C 182 -31.07 21.49 12.24
N ASP C 183 -31.87 20.43 12.11
CA ASP C 183 -32.54 19.70 13.19
C ASP C 183 -32.90 18.29 12.68
N ASP C 184 -33.73 17.52 13.39
CA ASP C 184 -34.16 16.18 12.95
C ASP C 184 -35.01 16.18 11.65
N ASN C 185 -35.41 17.35 11.12
CA ASN C 185 -36.39 17.49 10.04
C ASN C 185 -35.91 18.34 8.84
N GLN C 186 -34.83 19.11 8.96
CA GLN C 186 -34.25 19.90 7.85
C GLN C 186 -32.73 19.72 7.71
N ILE C 187 -32.25 19.72 6.47
CA ILE C 187 -30.84 19.52 6.11
C ILE C 187 -30.45 20.38 4.89
N VAL C 188 -29.24 20.94 4.87
CA VAL C 188 -28.72 21.81 3.79
C VAL C 188 -27.47 21.19 3.16
N THR C 189 -27.26 21.44 1.87
CA THR C 189 -26.39 20.65 1.00
C THR C 189 -25.70 21.48 -0.09
N SER C 190 -24.58 20.99 -0.63
CA SER C 190 -23.86 21.60 -1.76
C SER C 190 -23.44 20.58 -2.79
N SER C 191 -23.23 21.03 -4.03
CA SER C 191 -23.00 20.16 -5.18
C SER C 191 -21.94 20.67 -6.15
N GLY C 192 -21.38 19.75 -6.95
CA GLY C 192 -20.52 20.05 -8.08
C GLY C 192 -21.20 20.84 -9.22
N ASP C 193 -22.52 20.87 -9.28
CA ASP C 193 -23.30 21.63 -10.29
C ASP C 193 -23.39 23.15 -10.01
N THR C 194 -22.51 23.69 -9.16
CA THR C 194 -22.45 25.07 -8.64
C THR C 194 -23.52 25.43 -7.61
N THR C 195 -24.56 24.63 -7.38
CA THR C 195 -25.66 25.01 -6.47
C THR C 195 -25.52 24.48 -5.04
N CYS C 196 -26.29 25.10 -4.14
CA CYS C 196 -26.58 24.60 -2.80
C CYS C 196 -28.11 24.47 -2.64
N ALA C 197 -28.59 23.61 -1.75
CA ALA C 197 -30.03 23.45 -1.51
C ALA C 197 -30.37 23.06 -0.07
N LEU C 198 -31.54 23.51 0.39
CA LEU C 198 -32.18 23.13 1.65
C LEU C 198 -33.30 22.13 1.39
N TRP C 199 -33.41 21.11 2.24
CA TRP C 199 -34.38 20.01 2.15
C TRP C 199 -35.18 19.89 3.45
N ASP C 200 -36.42 19.44 3.32
CA ASP C 200 -37.24 18.95 4.43
C ASP C 200 -37.32 17.42 4.34
N ILE C 201 -36.96 16.76 5.43
CA ILE C 201 -36.71 15.31 5.49
C ILE C 201 -38.03 14.52 5.54
N GLU C 202 -39.13 15.12 5.97
CA GLU C 202 -40.45 14.49 5.98
C GLU C 202 -41.11 14.53 4.59
N THR C 203 -40.94 15.62 3.83
CA THR C 203 -41.48 15.76 2.46
C THR C 203 -40.57 15.19 1.36
N GLY C 204 -39.25 15.23 1.55
CA GLY C 204 -38.29 14.59 0.63
C GLY C 204 -38.02 15.34 -0.68
N GLN C 205 -38.06 16.67 -0.69
CA GLN C 205 -37.71 17.52 -1.86
C GLN C 205 -37.10 18.87 -1.44
N GLN C 206 -36.45 19.57 -2.37
CA GLN C 206 -35.85 20.88 -2.10
C GLN C 206 -36.93 21.89 -1.68
N THR C 207 -36.77 22.51 -0.51
CA THR C 207 -37.64 23.62 -0.07
C THR C 207 -37.08 24.98 -0.46
N THR C 208 -35.78 25.09 -0.77
CA THR C 208 -35.12 26.33 -1.24
C THR C 208 -33.80 26.00 -1.94
N THR C 209 -33.56 26.59 -3.11
CA THR C 209 -32.34 26.42 -3.92
C THR C 209 -31.52 27.70 -3.93
N PHE C 210 -30.20 27.61 -3.75
CA PHE C 210 -29.27 28.74 -3.68
C PHE C 210 -28.27 28.68 -4.85
N THR C 211 -28.19 29.75 -5.64
CA THR C 211 -27.44 29.80 -6.92
C THR C 211 -26.64 31.10 -7.07
N GLY C 212 -25.41 31.02 -7.60
CA GLY C 212 -24.59 32.20 -7.89
C GLY C 212 -23.09 31.97 -8.08
N HIS C 213 -22.54 30.86 -7.58
CA HIS C 213 -21.13 30.49 -7.80
C HIS C 213 -20.83 30.20 -9.29
N THR C 214 -19.63 30.52 -9.76
CA THR C 214 -19.24 30.28 -11.18
C THR C 214 -18.76 28.84 -11.45
N GLY C 215 -18.38 28.09 -10.41
CA GLY C 215 -17.89 26.71 -10.51
C GLY C 215 -18.29 25.84 -9.30
N ASP C 216 -17.79 24.61 -9.24
CA ASP C 216 -18.19 23.60 -8.23
C ASP C 216 -18.03 24.09 -6.78
N VAL C 217 -19.04 23.87 -5.94
CA VAL C 217 -18.99 24.19 -4.50
C VAL C 217 -18.30 23.04 -3.76
N MET C 218 -17.27 23.32 -2.97
CA MET C 218 -16.49 22.28 -2.27
C MET C 218 -16.99 22.00 -0.85
N SER C 219 -17.31 23.05 -0.08
CA SER C 219 -17.70 22.93 1.33
C SER C 219 -18.71 24.01 1.73
N LEU C 220 -19.44 23.78 2.83
CA LEU C 220 -20.36 24.75 3.43
C LEU C 220 -20.31 24.70 4.97
N SER C 221 -20.67 25.81 5.64
CA SER C 221 -20.85 25.85 7.09
C SER C 221 -22.11 26.62 7.47
N LEU C 222 -22.94 26.03 8.33
CA LEU C 222 -23.99 26.75 9.05
C LEU C 222 -23.34 27.76 10.00
N ALA C 223 -24.04 28.86 10.27
CA ALA C 223 -23.79 29.67 11.45
C ALA C 223 -24.23 28.91 12.72
N PRO C 224 -23.71 29.23 13.92
CA PRO C 224 -24.08 28.58 15.17
C PRO C 224 -25.60 28.55 15.49
N ASP C 225 -26.38 29.52 15.00
CA ASP C 225 -27.84 29.60 15.19
C ASP C 225 -28.66 28.98 14.04
N THR C 226 -28.02 28.46 12.99
CA THR C 226 -28.63 27.92 11.75
C THR C 226 -29.49 28.90 10.92
N ARG C 227 -29.48 30.21 11.20
CA ARG C 227 -30.23 31.21 10.39
C ARG C 227 -29.61 31.47 9.01
N LEU C 228 -28.29 31.37 8.89
CA LEU C 228 -27.53 31.57 7.65
C LEU C 228 -26.48 30.48 7.49
N PHE C 229 -25.96 30.33 6.27
CA PHE C 229 -24.80 29.48 5.99
C PHE C 229 -23.87 30.14 4.98
N VAL C 230 -22.61 29.70 4.94
CA VAL C 230 -21.60 30.13 3.96
C VAL C 230 -21.15 28.93 3.14
N SER C 231 -20.76 29.16 1.89
CA SER C 231 -20.17 28.12 1.05
C SER C 231 -19.06 28.67 0.15
N GLY C 232 -18.10 27.81 -0.20
CA GLY C 232 -16.91 28.14 -0.97
C GLY C 232 -16.74 27.24 -2.20
N ALA C 233 -16.14 27.77 -3.27
CA ALA C 233 -16.22 27.17 -4.59
C ALA C 233 -14.94 27.34 -5.44
N CYS C 234 -14.94 26.69 -6.60
CA CYS C 234 -13.89 26.77 -7.62
C CYS C 234 -13.74 28.15 -8.29
N ASP C 235 -14.63 29.11 -8.00
CA ASP C 235 -14.48 30.51 -8.40
C ASP C 235 -13.65 31.36 -7.40
N ALA C 236 -13.08 30.71 -6.38
CA ALA C 236 -12.26 31.30 -5.31
C ALA C 236 -12.98 32.35 -4.41
N SER C 237 -14.31 32.48 -4.50
CA SER C 237 -15.08 33.47 -3.74
C SER C 237 -16.06 32.80 -2.75
N ALA C 238 -15.87 33.05 -1.46
CA ALA C 238 -16.82 32.62 -0.41
C ALA C 238 -18.09 33.49 -0.41
N LYS C 239 -19.26 32.88 -0.19
CA LYS C 239 -20.56 33.56 -0.28
C LYS C 239 -21.48 33.14 0.87
N LEU C 240 -22.26 34.10 1.39
CA LEU C 240 -23.17 33.98 2.52
C LEU C 240 -24.62 33.90 2.03
N TRP C 241 -25.40 32.97 2.57
CA TRP C 241 -26.78 32.67 2.16
C TRP C 241 -27.72 32.69 3.36
N ASP C 242 -28.88 33.33 3.22
CA ASP C 242 -29.91 33.35 4.24
C ASP C 242 -30.89 32.19 4.02
N VAL C 243 -30.90 31.24 4.96
CA VAL C 243 -31.60 29.96 4.86
C VAL C 243 -33.11 30.14 4.61
N ARG C 244 -33.70 31.23 5.12
CA ARG C 244 -35.15 31.49 5.04
C ARG C 244 -35.53 32.40 3.87
N GLU C 245 -34.60 33.19 3.33
CA GLU C 245 -34.82 34.06 2.17
C GLU C 245 -34.59 33.35 0.83
N GLY C 246 -33.58 32.48 0.72
CA GLY C 246 -33.25 31.79 -0.53
C GLY C 246 -32.47 32.63 -1.55
N MET C 247 -31.70 33.62 -1.10
CA MET C 247 -30.86 34.47 -1.95
C MET C 247 -29.54 34.87 -1.25
N CYS C 248 -28.50 35.17 -2.02
CA CYS C 248 -27.20 35.59 -1.50
C CYS C 248 -27.31 36.89 -0.68
N ARG C 249 -26.72 36.90 0.52
CA ARG C 249 -26.67 38.05 1.42
C ARG C 249 -25.39 38.88 1.25
N GLN C 250 -24.23 38.23 1.16
CA GLN C 250 -22.91 38.86 0.96
C GLN C 250 -21.98 37.96 0.15
N THR C 251 -20.99 38.57 -0.52
CA THR C 251 -19.96 37.88 -1.33
C THR C 251 -18.57 38.43 -1.01
N PHE C 252 -17.58 37.55 -0.88
CA PHE C 252 -16.22 37.88 -0.42
C PHE C 252 -15.17 37.39 -1.44
N THR C 253 -13.98 38.01 -1.44
CA THR C 253 -12.87 37.68 -2.36
C THR C 253 -11.51 37.86 -1.68
N GLY C 254 -10.49 37.15 -2.15
CA GLY C 254 -9.10 37.31 -1.68
C GLY C 254 -8.16 36.17 -2.04
N HIS C 255 -8.69 34.94 -2.15
CA HIS C 255 -7.92 33.77 -2.60
C HIS C 255 -7.47 33.87 -4.07
N GLU C 256 -6.34 33.25 -4.38
CA GLU C 256 -5.81 33.13 -5.74
C GLU C 256 -6.25 31.83 -6.44
N SER C 257 -6.91 30.91 -5.73
CA SER C 257 -7.32 29.60 -6.22
C SER C 257 -8.53 29.05 -5.45
N ASP C 258 -9.09 27.93 -5.91
CA ASP C 258 -10.29 27.27 -5.41
C ASP C 258 -10.34 27.19 -3.86
N ILE C 259 -11.50 27.46 -3.25
CA ILE C 259 -11.71 27.22 -1.82
C ILE C 259 -12.17 25.77 -1.62
N ASN C 260 -11.36 24.94 -0.95
CA ASN C 260 -11.72 23.56 -0.61
C ASN C 260 -12.53 23.47 0.69
N ALA C 261 -12.28 24.35 1.66
CA ALA C 261 -12.81 24.24 3.01
C ALA C 261 -13.22 25.61 3.57
N ILE C 262 -14.24 25.63 4.43
CA ILE C 262 -14.81 26.82 5.05
C ILE C 262 -15.36 26.48 6.45
N CYS C 263 -15.34 27.41 7.39
CA CYS C 263 -15.78 27.19 8.76
C CYS C 263 -16.22 28.49 9.43
N PHE C 264 -17.42 28.54 10.00
CA PHE C 264 -17.82 29.69 10.82
C PHE C 264 -16.92 29.83 12.07
N PHE C 265 -16.65 31.07 12.46
CA PHE C 265 -16.06 31.43 13.76
C PHE C 265 -17.13 31.25 14.85
N PRO C 266 -16.78 30.79 16.07
CA PRO C 266 -17.75 30.50 17.15
C PRO C 266 -18.77 31.60 17.52
N ASN C 267 -18.50 32.88 17.22
CA ASN C 267 -19.41 34.00 17.49
C ASN C 267 -20.52 34.18 16.43
N GLY C 268 -20.46 33.50 15.28
CA GLY C 268 -21.43 33.66 14.20
C GLY C 268 -21.34 34.98 13.40
N ASN C 269 -20.26 35.76 13.54
CA ASN C 269 -20.06 37.03 12.81
C ASN C 269 -18.81 37.03 11.91
N ALA C 270 -18.11 35.91 11.81
CA ALA C 270 -16.92 35.72 10.98
C ALA C 270 -16.80 34.26 10.50
N PHE C 271 -15.94 34.00 9.52
CA PHE C 271 -15.61 32.65 9.06
C PHE C 271 -14.18 32.56 8.50
N ALA C 272 -13.57 31.38 8.59
CA ALA C 272 -12.29 31.05 7.96
C ALA C 272 -12.50 30.21 6.70
N THR C 273 -11.44 30.13 5.90
CA THR C 273 -11.40 29.47 4.58
C THR C 273 -10.04 28.84 4.33
N GLY C 274 -9.96 27.83 3.47
CA GLY C 274 -8.71 27.21 3.00
C GLY C 274 -8.78 26.83 1.52
N SER C 275 -7.64 26.79 0.84
CA SER C 275 -7.56 26.77 -0.63
C SER C 275 -6.37 25.99 -1.18
N ASP C 276 -6.41 25.64 -2.47
CA ASP C 276 -5.23 25.22 -3.24
C ASP C 276 -4.13 26.30 -3.31
N ASP C 277 -4.44 27.57 -3.02
CA ASP C 277 -3.43 28.65 -2.95
C ASP C 277 -2.54 28.62 -1.69
N ALA C 278 -2.67 27.56 -0.86
CA ALA C 278 -1.93 27.33 0.38
C ALA C 278 -2.18 28.32 1.53
N THR C 279 -3.09 29.28 1.39
CA THR C 279 -3.42 30.24 2.45
C THR C 279 -4.69 29.84 3.19
N CYS C 280 -4.70 29.97 4.51
CA CYS C 280 -5.96 30.09 5.25
C CYS C 280 -6.33 31.58 5.37
N ARG C 281 -7.61 31.97 5.25
CA ARG C 281 -8.03 33.38 5.34
C ARG C 281 -9.33 33.58 6.12
N LEU C 282 -9.37 34.65 6.92
CA LEU C 282 -10.46 35.03 7.82
C LEU C 282 -11.26 36.21 7.26
N PHE C 283 -12.58 36.10 7.27
CA PHE C 283 -13.52 37.13 6.82
C PHE C 283 -14.55 37.45 7.91
N ASP C 284 -15.03 38.69 7.96
CA ASP C 284 -15.99 39.17 8.97
C ASP C 284 -17.20 39.83 8.28
N LEU C 285 -18.40 39.45 8.70
CA LEU C 285 -19.64 39.81 8.01
C LEU C 285 -20.01 41.29 8.17
N ARG C 286 -19.51 41.98 9.20
CA ARG C 286 -19.68 43.44 9.39
C ARG C 286 -18.53 44.25 8.77
N ALA C 287 -17.33 43.66 8.69
CA ALA C 287 -16.19 44.26 8.00
C ALA C 287 -16.32 44.19 6.46
N ASP C 288 -17.02 43.18 5.93
CA ASP C 288 -17.27 42.96 4.50
C ASP C 288 -15.99 42.73 3.64
N GLN C 289 -14.88 42.32 4.28
CA GLN C 289 -13.58 42.07 3.64
C GLN C 289 -12.73 41.10 4.48
N GLU C 290 -11.62 40.62 3.91
CA GLU C 290 -10.62 39.81 4.65
C GLU C 290 -10.06 40.60 5.85
N LEU C 291 -10.12 40.01 7.06
CA LEU C 291 -9.41 40.54 8.23
C LEU C 291 -7.97 40.01 8.33
N MET C 292 -7.72 38.75 7.96
CA MET C 292 -6.42 38.12 8.16
C MET C 292 -6.12 37.00 7.15
N THR C 293 -4.83 36.78 6.90
CA THR C 293 -4.27 35.65 6.15
C THR C 293 -3.26 34.91 7.01
N TYR C 294 -3.29 33.58 6.98
CA TYR C 294 -2.32 32.69 7.63
C TYR C 294 -1.59 31.89 6.53
N SER C 295 -0.26 32.02 6.48
CA SER C 295 0.57 31.50 5.37
C SER C 295 2.05 31.39 5.74
N HIS C 296 2.83 30.67 4.92
CA HIS C 296 4.30 30.61 5.00
C HIS C 296 4.90 30.29 3.62
N ASP C 297 6.17 30.67 3.39
CA ASP C 297 6.82 30.63 2.08
C ASP C 297 7.01 29.21 1.51
N ASN C 298 7.17 28.19 2.36
CA ASN C 298 7.50 26.81 1.94
C ASN C 298 6.27 25.93 1.62
N ILE C 299 5.04 26.40 1.86
CA ILE C 299 3.82 25.61 1.66
C ILE C 299 3.45 25.60 0.16
N ILE C 300 4.02 24.67 -0.60
CA ILE C 300 3.81 24.50 -2.05
C ILE C 300 2.57 23.65 -2.41
N CYS C 301 1.64 23.44 -1.47
CA CYS C 301 0.54 22.48 -1.59
C CYS C 301 -0.79 23.01 -1.04
N GLY C 302 -1.90 22.37 -1.40
CA GLY C 302 -3.25 22.80 -1.00
C GLY C 302 -3.66 22.44 0.43
N ILE C 303 -4.75 23.06 0.87
CA ILE C 303 -5.44 22.76 2.13
C ILE C 303 -6.68 21.90 1.84
N THR C 304 -6.84 20.78 2.54
CA THR C 304 -7.97 19.85 2.33
C THR C 304 -9.13 20.05 3.32
N SER C 305 -8.89 20.63 4.50
CA SER C 305 -9.89 20.79 5.56
C SER C 305 -9.49 21.86 6.59
N VAL C 306 -10.46 22.49 7.25
CA VAL C 306 -10.26 23.62 8.20
C VAL C 306 -11.31 23.61 9.32
N SER C 307 -10.94 23.96 10.55
CA SER C 307 -11.89 24.40 11.60
C SER C 307 -11.23 25.17 12.74
N PHE C 308 -11.97 26.04 13.42
CA PHE C 308 -11.52 26.64 14.69
C PHE C 308 -11.64 25.66 15.87
N SER C 309 -10.82 25.86 16.90
CA SER C 309 -11.12 25.37 18.25
C SER C 309 -12.28 26.17 18.88
N LYS C 310 -12.96 25.64 19.89
CA LYS C 310 -14.17 26.24 20.49
C LYS C 310 -13.98 27.68 20.98
N SER C 311 -12.78 28.02 21.46
CA SER C 311 -12.44 29.37 21.92
C SER C 311 -12.30 30.41 20.79
N GLY C 312 -12.25 29.98 19.53
CA GLY C 312 -12.00 30.83 18.36
C GLY C 312 -10.55 31.29 18.21
N ARG C 313 -9.74 31.21 19.28
CA ARG C 313 -8.35 31.70 19.32
C ARG C 313 -7.36 30.85 18.52
N LEU C 314 -7.62 29.55 18.36
CA LEU C 314 -6.81 28.66 17.52
C LEU C 314 -7.59 28.21 16.28
N LEU C 315 -6.97 28.34 15.10
CA LEU C 315 -7.47 27.85 13.83
C LEU C 315 -6.63 26.63 13.40
N LEU C 316 -7.28 25.51 13.06
CA LEU C 316 -6.63 24.26 12.67
C LEU C 316 -6.94 23.95 11.20
N ALA C 317 -5.97 23.44 10.45
CA ALA C 317 -6.14 23.08 9.04
C ALA C 317 -5.28 21.88 8.63
N GLY C 318 -5.73 21.12 7.64
CA GLY C 318 -5.03 19.97 7.06
C GLY C 318 -4.53 20.23 5.65
N TYR C 319 -3.36 19.70 5.29
CA TYR C 319 -2.64 20.03 4.06
C TYR C 319 -2.22 18.76 3.29
N ASP C 320 -1.93 18.88 1.98
CA ASP C 320 -1.57 17.72 1.15
C ASP C 320 -0.32 16.95 1.65
N ASP C 321 0.70 17.65 2.16
CA ASP C 321 1.95 17.06 2.68
C ASP C 321 1.79 16.42 4.07
N PHE C 322 0.82 15.51 4.19
CA PHE C 322 0.57 14.56 5.30
C PHE C 322 0.34 15.16 6.70
N ASN C 323 0.30 16.49 6.86
CA ASN C 323 0.31 17.16 8.16
C ASN C 323 -0.87 18.13 8.34
N CYS C 324 -1.22 18.41 9.60
CA CYS C 324 -2.12 19.51 9.97
C CYS C 324 -1.33 20.61 10.68
N ASN C 325 -1.66 21.88 10.45
CA ASN C 325 -1.03 23.02 11.11
C ASN C 325 -2.06 23.78 11.97
N VAL C 326 -1.59 24.33 13.09
CA VAL C 326 -2.37 25.15 14.02
C VAL C 326 -1.87 26.59 13.94
N TRP C 327 -2.79 27.56 13.91
CA TRP C 327 -2.50 28.99 13.80
C TRP C 327 -3.18 29.77 14.92
N ASP C 328 -2.51 30.78 15.47
CA ASP C 328 -3.15 31.76 16.36
C ASP C 328 -4.02 32.71 15.52
N ALA C 329 -5.33 32.66 15.73
CA ALA C 329 -6.30 33.39 14.91
C ALA C 329 -6.17 34.92 15.00
N LEU C 330 -5.52 35.45 16.05
CA LEU C 330 -5.35 36.89 16.29
C LEU C 330 -3.90 37.37 16.13
N LYS C 331 -2.91 36.51 16.43
CA LYS C 331 -1.47 36.83 16.24
C LYS C 331 -0.89 36.37 14.89
N ALA C 332 -1.59 35.52 14.15
CA ALA C 332 -1.19 34.96 12.85
C ALA C 332 0.04 34.02 12.84
N ASP C 333 0.64 33.73 14.00
CA ASP C 333 1.74 32.75 14.15
C ASP C 333 1.28 31.31 13.88
N ARG C 334 2.16 30.46 13.33
CA ARG C 334 1.96 29.00 13.28
C ARG C 334 2.14 28.42 14.69
N ALA C 335 1.07 28.47 15.48
CA ALA C 335 1.03 28.07 16.87
C ALA C 335 1.33 26.57 17.13
N GLY C 336 1.26 25.68 16.14
CA GLY C 336 1.61 24.26 16.31
C GLY C 336 1.50 23.41 15.03
N VAL C 337 1.92 22.14 15.11
CA VAL C 337 1.84 21.16 14.01
C VAL C 337 1.42 19.78 14.56
N LEU C 338 0.54 19.08 13.83
CA LEU C 338 0.19 17.68 14.06
C LEU C 338 0.70 16.87 12.85
N ALA C 339 1.47 15.80 13.10
CA ALA C 339 2.18 15.05 12.05
C ALA C 339 2.09 13.52 12.25
N GLY C 340 0.95 13.03 12.72
CA GLY C 340 0.74 11.61 13.09
C GLY C 340 0.34 10.68 11.94
N HIS C 341 0.29 11.15 10.70
CA HIS C 341 -0.16 10.40 9.51
C HIS C 341 0.98 10.23 8.50
N ASP C 342 1.00 9.13 7.76
CA ASP C 342 2.00 8.82 6.72
C ASP C 342 1.37 8.67 5.32
N ASN C 343 0.21 9.29 5.14
CA ASN C 343 -0.45 9.57 3.87
C ASN C 343 -1.35 10.82 4.05
N ARG C 344 -1.82 11.41 2.95
CA ARG C 344 -2.45 12.74 2.88
C ARG C 344 -3.66 12.92 3.81
N VAL C 345 -3.71 14.03 4.56
CA VAL C 345 -4.83 14.37 5.45
C VAL C 345 -6.03 14.84 4.63
N SER C 346 -7.23 14.40 4.97
CA SER C 346 -8.46 14.72 4.24
C SER C 346 -9.54 15.41 5.10
N CYS C 347 -9.54 15.23 6.43
CA CYS C 347 -10.53 15.82 7.31
C CYS C 347 -10.03 16.05 8.74
N LEU C 348 -10.64 17.01 9.44
CA LEU C 348 -10.29 17.45 10.79
C LEU C 348 -11.55 18.02 11.47
N GLY C 349 -11.70 17.88 12.79
CA GLY C 349 -12.86 18.42 13.51
C GLY C 349 -12.72 18.42 15.02
N VAL C 350 -13.40 19.34 15.71
CA VAL C 350 -13.22 19.61 17.15
C VAL C 350 -14.52 19.39 17.93
N THR C 351 -14.42 18.86 19.16
CA THR C 351 -15.57 18.57 20.03
C THR C 351 -16.38 19.81 20.45
N ASP C 352 -17.67 19.64 20.74
CA ASP C 352 -18.53 20.74 21.23
C ASP C 352 -18.21 21.19 22.67
N ASP C 353 -17.45 20.41 23.45
CA ASP C 353 -16.85 20.87 24.71
C ASP C 353 -15.45 21.50 24.53
N GLY C 354 -14.86 21.42 23.33
CA GLY C 354 -13.51 21.89 23.02
C GLY C 354 -12.36 21.05 23.61
N MET C 355 -12.65 19.91 24.25
CA MET C 355 -11.66 19.07 24.94
C MET C 355 -10.80 18.21 23.99
N ALA C 356 -11.25 17.92 22.77
CA ALA C 356 -10.49 17.07 21.85
C ALA C 356 -10.64 17.45 20.37
N VAL C 357 -9.64 17.06 19.58
CA VAL C 357 -9.57 17.22 18.12
C VAL C 357 -9.49 15.84 17.47
N ALA C 358 -10.13 15.63 16.33
CA ALA C 358 -10.04 14.41 15.54
C ALA C 358 -9.45 14.73 14.17
N THR C 359 -8.75 13.76 13.57
CA THR C 359 -8.16 13.88 12.24
C THR C 359 -8.32 12.57 11.47
N GLY C 360 -8.49 12.65 10.16
CA GLY C 360 -8.60 11.50 9.27
C GLY C 360 -7.78 11.69 8.00
N SER C 361 -7.27 10.60 7.46
CA SER C 361 -6.27 10.64 6.41
C SER C 361 -6.34 9.40 5.51
N TRP C 362 -5.57 9.44 4.43
CA TRP C 362 -5.47 8.34 3.49
C TRP C 362 -4.80 7.07 4.07
N ASP C 363 -4.35 7.08 5.32
CA ASP C 363 -3.84 5.89 6.04
C ASP C 363 -4.91 4.84 6.39
N SER C 364 -6.20 5.21 6.37
CA SER C 364 -7.34 4.44 6.91
C SER C 364 -7.42 4.35 8.44
N PHE C 365 -6.71 5.23 9.16
CA PHE C 365 -6.81 5.38 10.62
C PHE C 365 -7.24 6.81 11.00
N LEU C 366 -8.21 6.97 11.91
CA LEU C 366 -8.42 8.25 12.58
C LEU C 366 -7.48 8.35 13.79
N LYS C 367 -7.13 9.58 14.17
CA LYS C 367 -6.37 9.90 15.38
C LYS C 367 -7.06 11.01 16.16
N ILE C 368 -7.09 10.86 17.48
CA ILE C 368 -7.66 11.83 18.43
C ILE C 368 -6.51 12.55 19.15
N TRP C 369 -6.60 13.86 19.30
CA TRP C 369 -5.52 14.74 19.75
C TRP C 369 -5.95 15.68 20.89
N ASN C 370 -5.00 15.99 21.77
CA ASN C 370 -5.05 17.09 22.75
C ASN C 370 -3.62 17.54 23.10
#